data_5VEV
#
_entry.id   5VEV
#
_cell.length_a   73.310
_cell.length_b   99.450
_cell.length_c   131.600
_cell.angle_alpha   90.000
_cell.angle_beta   90.000
_cell.angle_gamma   90.000
#
_symmetry.space_group_name_H-M   'P 21 21 21'
#
loop_
_entity.id
_entity.type
_entity.pdbx_description
1 polymer 'Phosphoribosylamine--glycine ligase'
2 non-polymer 'SODIUM ION'
3 non-polymer 'ACETATE ION'
4 non-polymer 1,2-ETHANEDIOL
5 non-polymer 'SULFATE ION'
6 water water
#
_entity_poly.entity_id   1
_entity_poly.type   'polypeptide(L)'
_entity_poly.pdbx_seq_one_letter_code
;MAHHHHHHMKLLVIGNGGREHALAWKLAQSPKVETVFVAPGNAGTAIESKLQNIALTAYQDLIEFCRKENIVFTVVGPEA
PLAAGIVDDFRAAGLKIFGPTQYAAQLESSKDFAKAFMVKYNIPTAQYQTFENADAAHDYVNQKGAPIVIKADGLVAGKG
VIVAMTLDEAHAAIDDMLLGNKMGNAGERVVIEDFLQGEEASFIVMVDGNHVLPMATSQDHKRLLDGDKGPNTGGMGAYS
PAPVVTPAVYERAMNEIILPTVAGMKAEGHEFTGFLYAGLMIDQSGAPYTIEFNCRFGDPETQPIMSRLNSDLADLVEAA
IDGRLDSVKAEWNPQTAVGVVLAAQNYPETPKKGDVISGLDDVNRIGKVFHAGTTVNEKGDVLTNGGRILCVVGLGDDVA
QAKAKAYGALEKISFDGMQYRKDIADKAINR
;
_entity_poly.pdbx_strand_id   A,B
#
loop_
_chem_comp.id
_chem_comp.type
_chem_comp.name
_chem_comp.formula
ACT non-polymer 'ACETATE ION' 'C2 H3 O2 -1'
EDO non-polymer 1,2-ETHANEDIOL 'C2 H6 O2'
NA non-polymer 'SODIUM ION' 'Na 1'
SO4 non-polymer 'SULFATE ION' 'O4 S -2'
#
# COMPACT_ATOMS: atom_id res chain seq x y z
N HIS A 7 -13.67 15.60 -14.04
CA HIS A 7 -13.25 17.00 -14.17
C HIS A 7 -14.33 17.96 -13.69
N HIS A 8 -13.90 19.03 -13.01
CA HIS A 8 -14.79 20.07 -12.47
C HIS A 8 -15.81 19.50 -11.49
N MET A 9 -15.42 18.47 -10.74
CA MET A 9 -16.31 17.89 -9.76
CA MET A 9 -16.30 17.87 -9.75
C MET A 9 -16.59 18.86 -8.63
N LYS A 10 -17.82 18.79 -8.11
CA LYS A 10 -18.18 19.50 -6.89
C LYS A 10 -18.48 18.48 -5.81
N LEU A 11 -17.91 18.68 -4.64
CA LEU A 11 -18.01 17.75 -3.53
C LEU A 11 -18.59 18.46 -2.31
N LEU A 12 -19.00 17.66 -1.33
CA LEU A 12 -19.60 18.17 -0.09
C LEU A 12 -18.95 17.46 1.08
N VAL A 13 -18.54 18.23 2.09
CA VAL A 13 -18.01 17.70 3.34
C VAL A 13 -18.92 18.20 4.47
N ILE A 14 -19.34 17.29 5.36
CA ILE A 14 -20.18 17.65 6.49
C ILE A 14 -19.32 17.87 7.73
N GLY A 15 -19.48 19.02 8.36
CA GLY A 15 -18.91 19.28 9.67
C GLY A 15 -18.23 20.63 9.73
N ASN A 16 -17.55 20.86 10.86
CA ASN A 16 -17.01 22.20 11.10
C ASN A 16 -15.72 22.19 11.92
N GLY A 17 -15.06 21.04 12.05
CA GLY A 17 -13.86 20.92 12.85
C GLY A 17 -12.59 20.99 12.00
N GLY A 18 -11.46 20.90 12.69
CA GLY A 18 -10.18 20.93 11.99
C GLY A 18 -9.98 19.74 11.08
N ARG A 19 -10.46 18.56 11.49
CA ARG A 19 -10.44 17.41 10.59
C ARG A 19 -11.19 17.71 9.29
N GLU A 20 -12.33 18.37 9.38
CA GLU A 20 -13.12 18.68 8.19
C GLU A 20 -12.42 19.73 7.33
N HIS A 21 -11.80 20.73 7.94
CA HIS A 21 -10.97 21.65 7.15
C HIS A 21 -9.89 20.87 6.39
N ALA A 22 -9.19 19.97 7.07
CA ALA A 22 -8.12 19.23 6.40
C ALA A 22 -8.68 18.36 5.28
N LEU A 23 -9.80 17.68 5.53
CA LEU A 23 -10.37 16.81 4.50
C LEU A 23 -10.79 17.60 3.29
N ALA A 24 -11.51 18.71 3.51
CA ALA A 24 -11.99 19.51 2.40
C ALA A 24 -10.84 20.12 1.62
N TRP A 25 -9.82 20.62 2.34
CA TRP A 25 -8.64 21.17 1.71
C TRP A 25 -7.94 20.14 0.84
N LYS A 26 -7.76 18.92 1.36
CA LYS A 26 -7.05 17.88 0.59
C LYS A 26 -7.87 17.47 -0.64
N LEU A 27 -9.19 17.29 -0.47
CA LEU A 27 -10.04 17.02 -1.63
C LEU A 27 -9.89 18.11 -2.68
N ALA A 28 -9.82 19.38 -2.25
CA ALA A 28 -9.71 20.49 -3.19
C ALA A 28 -8.36 20.54 -3.89
N GLN A 29 -7.35 19.82 -3.39
CA GLN A 29 -6.08 19.73 -4.09
CA GLN A 29 -6.09 19.74 -4.09
C GLN A 29 -6.21 18.95 -5.39
N SER A 30 -7.24 18.12 -5.52
CA SER A 30 -7.36 17.31 -6.71
C SER A 30 -7.55 18.21 -7.93
N PRO A 31 -6.76 18.03 -8.99
CA PRO A 31 -6.99 18.82 -10.21
C PRO A 31 -8.35 18.57 -10.82
N LYS A 32 -9.06 17.54 -10.38
CA LYS A 32 -10.36 17.21 -10.93
C LYS A 32 -11.51 17.85 -10.17
N VAL A 33 -11.23 18.51 -9.05
CA VAL A 33 -12.27 19.07 -8.17
C VAL A 33 -12.31 20.58 -8.38
N GLU A 34 -13.50 21.12 -8.64
CA GLU A 34 -13.64 22.56 -8.78
C GLU A 34 -13.96 23.23 -7.45
N THR A 35 -14.89 22.64 -6.68
CA THR A 35 -15.36 23.25 -5.44
C THR A 35 -15.65 22.16 -4.42
N VAL A 36 -15.28 22.40 -3.16
CA VAL A 36 -15.71 21.55 -2.05
C VAL A 36 -16.56 22.41 -1.14
N PHE A 37 -17.84 22.08 -1.04
CA PHE A 37 -18.71 22.76 -0.09
C PHE A 37 -18.54 22.12 1.28
N VAL A 38 -18.64 22.94 2.32
CA VAL A 38 -18.47 22.48 3.69
C VAL A 38 -19.66 22.95 4.50
N ALA A 39 -20.36 22.01 5.13
CA ALA A 39 -21.63 22.29 5.80
C ALA A 39 -21.49 22.00 7.29
N PRO A 40 -21.37 23.02 8.16
CA PRO A 40 -21.41 24.48 7.92
C PRO A 40 -20.04 25.10 7.70
N GLY A 41 -18.96 24.33 7.89
CA GLY A 41 -17.61 24.88 7.77
C GLY A 41 -17.26 25.80 8.93
N ASN A 42 -16.13 26.49 8.77
CA ASN A 42 -15.70 27.44 9.79
C ASN A 42 -15.00 28.61 9.11
N ALA A 43 -14.36 29.47 9.91
CA ALA A 43 -13.68 30.62 9.35
C ALA A 43 -12.53 30.21 8.44
N GLY A 44 -11.93 29.07 8.70
CA GLY A 44 -10.81 28.60 7.88
C GLY A 44 -11.26 28.09 6.53
N THR A 45 -12.37 27.35 6.49
CA THR A 45 -12.86 26.87 5.21
C THR A 45 -13.44 28.01 4.38
N ALA A 46 -14.00 29.05 5.02
CA ALA A 46 -14.46 30.21 4.26
C ALA A 46 -13.29 30.89 3.56
N ILE A 47 -12.12 30.92 4.19
CA ILE A 47 -10.96 31.60 3.63
C ILE A 47 -10.33 30.78 2.49
N GLU A 48 -10.42 29.46 2.53
CA GLU A 48 -9.70 28.60 1.59
C GLU A 48 -10.17 28.81 0.16
N SER A 49 -9.23 28.70 -0.77
CA SER A 49 -9.57 28.61 -2.17
C SER A 49 -10.26 27.27 -2.45
N LYS A 50 -11.27 27.32 -3.31
CA LYS A 50 -12.07 26.19 -3.77
C LYS A 50 -13.01 25.64 -2.70
N LEU A 51 -12.99 26.17 -1.48
CA LEU A 51 -13.94 25.76 -0.44
C LEU A 51 -15.04 26.80 -0.29
N GLN A 52 -16.27 26.34 -0.10
CA GLN A 52 -17.42 27.23 0.05
C GLN A 52 -18.29 26.72 1.20
N ASN A 53 -18.49 27.55 2.22
CA ASN A 53 -19.34 27.15 3.33
C ASN A 53 -20.80 27.22 2.93
N ILE A 54 -21.60 26.28 3.42
CA ILE A 54 -23.04 26.31 3.22
C ILE A 54 -23.72 26.07 4.56
N ALA A 55 -24.78 26.84 4.82
CA ALA A 55 -25.41 26.87 6.13
C ALA A 55 -26.58 25.92 6.24
N LEU A 56 -26.57 24.83 5.49
CA LEU A 56 -27.66 23.86 5.54
C LEU A 56 -27.35 22.79 6.58
N THR A 57 -28.39 22.34 7.28
CA THR A 57 -28.21 21.34 8.32
C THR A 57 -29.16 20.16 8.18
N ALA A 58 -30.40 20.40 7.74
CA ALA A 58 -31.36 19.32 7.57
C ALA A 58 -30.93 18.40 6.44
N TYR A 59 -31.08 17.09 6.65
CA TYR A 59 -30.52 16.15 5.68
C TYR A 59 -31.27 16.21 4.36
N GLN A 60 -32.59 16.39 4.37
CA GLN A 60 -33.29 16.48 3.10
CA GLN A 60 -33.30 16.50 3.10
C GLN A 60 -32.91 17.76 2.36
N ASP A 61 -32.61 18.85 3.09
CA ASP A 61 -32.07 20.04 2.46
C ASP A 61 -30.71 19.78 1.84
N LEU A 62 -29.84 19.05 2.55
CA LEU A 62 -28.52 18.74 1.99
C LEU A 62 -28.64 17.84 0.77
N ILE A 63 -29.62 16.93 0.78
CA ILE A 63 -29.85 16.06 -0.35
C ILE A 63 -30.25 16.88 -1.58
N GLU A 64 -31.17 17.85 -1.41
CA GLU A 64 -31.56 18.67 -2.56
C GLU A 64 -30.41 19.55 -3.03
N PHE A 65 -29.62 20.06 -2.09
CA PHE A 65 -28.44 20.84 -2.46
C PHE A 65 -27.54 20.02 -3.37
N CYS A 66 -27.28 18.76 -3.00
CA CYS A 66 -26.47 17.90 -3.85
C CYS A 66 -27.09 17.75 -5.23
N ARG A 67 -28.41 17.61 -5.30
CA ARG A 67 -29.07 17.52 -6.59
C ARG A 67 -29.01 18.84 -7.34
N LYS A 68 -29.13 19.96 -6.62
CA LYS A 68 -29.10 21.28 -7.24
C LYS A 68 -27.73 21.56 -7.85
N GLU A 69 -26.67 21.20 -7.15
CA GLU A 69 -25.30 21.52 -7.56
C GLU A 69 -24.61 20.37 -8.25
N ASN A 70 -25.29 19.22 -8.43
CA ASN A 70 -24.72 18.03 -9.06
C ASN A 70 -23.48 17.54 -8.29
N ILE A 71 -23.58 17.55 -6.96
CA ILE A 71 -22.46 17.08 -6.13
C ILE A 71 -22.15 15.63 -6.49
N VAL A 72 -20.87 15.33 -6.70
CA VAL A 72 -20.48 13.96 -7.05
C VAL A 72 -20.61 13.03 -5.84
N PHE A 73 -20.01 13.42 -4.72
CA PHE A 73 -20.17 12.62 -3.51
C PHE A 73 -20.01 13.50 -2.29
N THR A 74 -20.45 12.96 -1.15
CA THR A 74 -20.37 13.62 0.15
C THR A 74 -19.48 12.81 1.08
N VAL A 75 -18.73 13.50 1.95
CA VAL A 75 -17.89 12.88 2.97
C VAL A 75 -18.34 13.38 4.33
N VAL A 76 -18.56 12.47 5.28
CA VAL A 76 -19.05 12.88 6.59
C VAL A 76 -17.95 12.75 7.63
N GLY A 77 -17.66 13.85 8.32
CA GLY A 77 -16.69 13.84 9.38
C GLY A 77 -17.22 13.33 10.72
N PRO A 78 -18.08 14.11 11.35
CA PRO A 78 -18.34 13.91 12.79
C PRO A 78 -19.40 12.86 13.09
N GLU A 79 -19.36 12.43 14.36
CA GLU A 79 -20.16 11.29 14.84
C GLU A 79 -21.66 11.61 14.87
N ALA A 80 -22.04 12.84 15.24
CA ALA A 80 -23.47 13.11 15.45
C ALA A 80 -24.31 12.87 14.20
N PRO A 81 -24.00 13.44 13.03
CA PRO A 81 -24.82 13.11 11.85
C PRO A 81 -24.79 11.63 11.50
N LEU A 82 -23.65 10.98 11.70
CA LEU A 82 -23.57 9.55 11.44
C LEU A 82 -24.55 8.78 12.33
N ALA A 83 -24.52 9.07 13.63
CA ALA A 83 -25.45 8.39 14.55
C ALA A 83 -26.90 8.71 14.23
N ALA A 84 -27.16 9.86 13.59
CA ALA A 84 -28.51 10.23 13.21
C ALA A 84 -28.96 9.63 11.89
N GLY A 85 -28.08 8.93 11.18
CA GLY A 85 -28.47 8.25 9.96
C GLY A 85 -28.35 9.06 8.69
N ILE A 86 -27.46 10.06 8.66
CA ILE A 86 -27.28 10.85 7.45
C ILE A 86 -26.93 9.95 6.27
N VAL A 87 -26.13 8.91 6.51
CA VAL A 87 -25.70 8.05 5.41
C VAL A 87 -26.89 7.25 4.89
N ASP A 88 -27.70 6.70 5.79
CA ASP A 88 -28.90 5.98 5.37
C ASP A 88 -29.79 6.89 4.51
N ASP A 89 -29.96 8.14 4.92
CA ASP A 89 -30.84 9.04 4.21
C ASP A 89 -30.30 9.35 2.82
N PHE A 90 -29.02 9.72 2.75
CA PHE A 90 -28.40 10.00 1.46
C PHE A 90 -28.51 8.80 0.53
N ARG A 91 -28.23 7.59 1.05
CA ARG A 91 -28.23 6.42 0.17
C ARG A 91 -29.64 6.05 -0.26
N ALA A 92 -30.64 6.20 0.62
CA ALA A 92 -32.01 5.96 0.20
C ALA A 92 -32.44 6.95 -0.89
N ALA A 93 -31.83 8.13 -0.92
CA ALA A 93 -32.08 9.11 -1.98
C ALA A 93 -31.18 8.90 -3.19
N GLY A 94 -30.39 7.83 -3.21
CA GLY A 94 -29.54 7.52 -4.34
C GLY A 94 -28.26 8.32 -4.45
N LEU A 95 -27.81 8.97 -3.38
CA LEU A 95 -26.62 9.79 -3.42
C LEU A 95 -25.41 9.00 -2.92
N LYS A 96 -24.24 9.35 -3.45
CA LYS A 96 -22.99 8.73 -3.01
C LYS A 96 -22.45 9.43 -1.78
N ILE A 97 -22.07 8.67 -0.75
CA ILE A 97 -21.61 9.27 0.50
C ILE A 97 -20.65 8.31 1.18
N PHE A 98 -19.56 8.89 1.73
CA PHE A 98 -18.52 8.13 2.40
C PHE A 98 -18.65 8.35 3.91
N GLY A 99 -19.10 7.31 4.61
CA GLY A 99 -19.34 7.37 6.04
C GLY A 99 -20.20 6.18 6.41
N PRO A 100 -20.22 5.82 7.70
CA PRO A 100 -20.97 4.63 8.11
C PRO A 100 -22.46 4.87 8.26
N THR A 101 -23.23 3.82 7.97
CA THR A 101 -24.66 3.83 8.28
C THR A 101 -24.85 4.02 9.78
N GLN A 102 -26.07 4.38 10.16
CA GLN A 102 -26.40 4.52 11.57
C GLN A 102 -26.04 3.26 12.35
N TYR A 103 -26.35 2.08 11.79
CA TYR A 103 -26.04 0.84 12.50
C TYR A 103 -24.53 0.64 12.60
N ALA A 104 -23.81 0.75 11.49
CA ALA A 104 -22.37 0.55 11.57
C ALA A 104 -21.68 1.62 12.40
N ALA A 105 -22.26 2.83 12.53
CA ALA A 105 -21.62 3.88 13.31
C ALA A 105 -21.62 3.56 14.79
N GLN A 106 -22.46 2.62 15.24
CA GLN A 106 -22.44 2.22 16.63
C GLN A 106 -21.07 1.72 17.06
N LEU A 107 -20.27 1.22 16.10
CA LEU A 107 -18.92 0.79 16.43
C LEU A 107 -18.11 1.93 17.01
N GLU A 108 -18.38 3.15 16.58
CA GLU A 108 -17.69 4.34 17.03
C GLU A 108 -18.50 5.18 18.02
N SER A 109 -19.79 4.90 18.17
CA SER A 109 -20.65 5.77 18.95
C SER A 109 -21.21 5.12 20.22
N SER A 110 -21.00 3.82 20.42
CA SER A 110 -21.47 3.12 21.62
C SER A 110 -20.36 2.21 22.13
N LYS A 111 -19.81 2.53 23.31
CA LYS A 111 -18.74 1.70 23.86
C LYS A 111 -19.24 0.33 24.26
N ASP A 112 -20.53 0.22 24.61
CA ASP A 112 -21.12 -1.08 24.90
C ASP A 112 -21.16 -1.95 23.65
N PHE A 113 -21.71 -1.40 22.56
CA PHE A 113 -21.75 -2.14 21.29
C PHE A 113 -20.36 -2.58 20.87
N ALA A 114 -19.37 -1.68 21.02
CA ALA A 114 -18.03 -1.95 20.53
C ALA A 114 -17.34 -3.02 21.38
N LYS A 115 -17.43 -2.91 22.71
CA LYS A 115 -16.85 -3.94 23.57
C LYS A 115 -17.49 -5.31 23.31
N ALA A 116 -18.82 -5.34 23.21
CA ALA A 116 -19.50 -6.60 22.92
C ALA A 116 -19.07 -7.15 21.56
N PHE A 117 -19.02 -6.28 20.55
CA PHE A 117 -18.53 -6.69 19.24
C PHE A 117 -17.11 -7.23 19.34
N MET A 118 -16.25 -6.55 20.09
CA MET A 118 -14.85 -6.95 20.12
C MET A 118 -14.67 -8.26 20.87
N VAL A 119 -15.41 -8.43 21.97
CA VAL A 119 -15.39 -9.72 22.67
C VAL A 119 -15.84 -10.83 21.73
N LYS A 120 -16.94 -10.60 21.00
CA LYS A 120 -17.47 -11.62 20.09
C LYS A 120 -16.44 -12.01 19.04
N TYR A 121 -15.82 -11.04 18.37
CA TYR A 121 -14.91 -11.36 17.27
C TYR A 121 -13.46 -11.46 17.72
N ASN A 122 -13.23 -11.56 19.03
CA ASN A 122 -11.89 -11.80 19.57
C ASN A 122 -10.91 -10.70 19.15
N ILE A 123 -11.37 -9.44 19.21
CA ILE A 123 -10.52 -8.29 18.95
C ILE A 123 -9.81 -7.90 20.24
N PRO A 124 -8.48 -7.79 20.27
CA PRO A 124 -7.80 -7.42 21.52
C PRO A 124 -8.23 -6.05 22.01
N THR A 125 -8.60 -5.99 23.29
CA THR A 125 -9.06 -4.75 23.89
C THR A 125 -9.04 -4.95 25.40
N ALA A 126 -9.32 -3.89 26.14
CA ALA A 126 -9.34 -4.01 27.61
C ALA A 126 -10.52 -4.85 28.06
N GLN A 127 -10.25 -5.84 28.91
CA GLN A 127 -11.34 -6.57 29.55
C GLN A 127 -12.23 -5.58 30.30
N TYR A 128 -13.54 -5.84 30.32
CA TYR A 128 -14.49 -4.77 30.56
C TYR A 128 -15.78 -5.36 31.11
N GLN A 129 -16.33 -4.74 32.15
CA GLN A 129 -17.57 -5.21 32.74
C GLN A 129 -18.20 -4.09 33.56
N THR A 130 -19.53 -3.98 33.47
CA THR A 130 -20.31 -3.01 34.22
C THR A 130 -21.00 -3.68 35.39
N PHE A 131 -21.17 -2.94 36.49
CA PHE A 131 -21.55 -3.57 37.75
C PHE A 131 -22.70 -2.88 38.45
N GLU A 132 -23.57 -3.71 39.02
CA GLU A 132 -24.80 -3.34 39.71
C GLU A 132 -24.52 -2.80 41.10
N ASN A 133 -24.22 -3.71 42.05
CA ASN A 133 -23.81 -3.38 43.40
C ASN A 133 -22.41 -3.91 43.65
N ALA A 134 -21.83 -3.50 44.78
CA ALA A 134 -20.42 -3.75 45.04
C ALA A 134 -20.09 -5.23 45.17
N ASP A 135 -21.09 -6.08 45.43
CA ASP A 135 -20.87 -7.50 45.67
C ASP A 135 -20.02 -8.13 44.57
N ALA A 136 -20.60 -8.26 43.38
CA ALA A 136 -19.85 -8.83 42.27
C ALA A 136 -18.73 -7.91 41.80
N ALA A 137 -18.80 -6.61 42.14
CA ALA A 137 -17.77 -5.67 41.71
C ALA A 137 -16.45 -5.95 42.43
N HIS A 138 -16.49 -5.99 43.77
CA HIS A 138 -15.30 -6.37 44.52
C HIS A 138 -14.83 -7.77 44.14
N ASP A 139 -15.78 -8.70 43.94
CA ASP A 139 -15.43 -10.04 43.51
C ASP A 139 -14.71 -10.02 42.17
N TYR A 140 -15.14 -9.16 41.26
CA TYR A 140 -14.49 -9.06 39.96
C TYR A 140 -13.09 -8.49 40.08
N VAL A 141 -12.95 -7.43 40.88
CA VAL A 141 -11.65 -6.79 41.04
C VAL A 141 -10.65 -7.76 41.67
N ASN A 142 -11.09 -8.50 42.70
CA ASN A 142 -10.24 -9.53 43.29
C ASN A 142 -9.87 -10.59 42.27
N GLN A 143 -10.76 -10.89 41.32
CA GLN A 143 -10.45 -11.90 40.31
C GLN A 143 -9.47 -11.36 39.27
N LYS A 144 -9.63 -10.10 38.87
CA LYS A 144 -8.80 -9.54 37.81
C LYS A 144 -7.47 -9.00 38.33
N GLY A 145 -7.42 -8.52 39.56
CA GLY A 145 -6.21 -7.93 40.10
C GLY A 145 -5.98 -6.53 39.56
N ALA A 146 -4.96 -5.88 40.13
CA ALA A 146 -4.54 -4.55 39.74
C ALA A 146 -3.30 -4.62 38.87
N PRO A 147 -3.01 -3.57 38.08
CA PRO A 147 -3.76 -2.32 37.93
C PRO A 147 -5.05 -2.50 37.17
N ILE A 148 -6.04 -1.67 37.48
CA ILE A 148 -7.35 -1.79 36.88
C ILE A 148 -8.01 -0.42 36.99
N VAL A 149 -8.92 -0.14 36.08
CA VAL A 149 -9.53 1.18 35.96
C VAL A 149 -10.97 1.10 36.43
N ILE A 150 -11.32 1.97 37.37
CA ILE A 150 -12.69 2.12 37.85
C ILE A 150 -13.23 3.45 37.33
N LYS A 151 -14.37 3.42 36.66
CA LYS A 151 -14.99 4.62 36.10
C LYS A 151 -16.47 4.57 36.37
N ALA A 152 -17.08 5.76 36.49
CA ALA A 152 -18.51 5.85 36.77
C ALA A 152 -19.25 6.50 35.62
N VAL A 161 -13.01 8.73 37.10
CA VAL A 161 -12.08 7.76 36.52
C VAL A 161 -10.83 7.59 37.38
N ILE A 162 -10.75 6.47 38.09
CA ILE A 162 -9.61 6.14 38.93
C ILE A 162 -8.83 5.03 38.24
N VAL A 163 -7.55 5.25 37.98
CA VAL A 163 -6.63 4.19 37.58
C VAL A 163 -6.03 3.62 38.85
N ALA A 164 -6.54 2.47 39.28
CA ALA A 164 -6.16 1.88 40.57
C ALA A 164 -4.89 1.07 40.41
N MET A 165 -3.83 1.47 41.13
CA MET A 165 -2.58 0.72 41.07
C MET A 165 -2.56 -0.48 42.01
N THR A 166 -3.41 -0.49 43.04
CA THR A 166 -3.50 -1.61 43.97
C THR A 166 -4.96 -2.01 44.11
N LEU A 167 -5.18 -3.19 44.69
CA LEU A 167 -6.54 -3.61 44.99
C LEU A 167 -7.19 -2.67 46.00
N ASP A 168 -6.42 -2.18 46.98
CA ASP A 168 -6.95 -1.20 47.91
C ASP A 168 -7.56 -0.01 47.20
N GLU A 169 -6.83 0.53 46.21
CA GLU A 169 -7.37 1.66 45.45
C GLU A 169 -8.61 1.25 44.67
N ALA A 170 -8.61 0.04 44.10
CA ALA A 170 -9.77 -0.40 43.32
C ALA A 170 -10.99 -0.59 44.22
N HIS A 171 -10.81 -1.26 45.36
CA HIS A 171 -11.94 -1.44 46.28
C HIS A 171 -12.42 -0.11 46.82
N ALA A 172 -11.49 0.80 47.10
CA ALA A 172 -11.86 2.14 47.53
C ALA A 172 -12.69 2.85 46.47
N ALA A 173 -12.26 2.78 45.21
CA ALA A 173 -12.99 3.47 44.15
C ALA A 173 -14.39 2.89 43.98
N ILE A 174 -14.54 1.57 44.17
CA ILE A 174 -15.86 0.95 44.05
C ILE A 174 -16.80 1.45 45.13
N ASP A 175 -16.32 1.49 46.38
CA ASP A 175 -17.16 1.90 47.50
C ASP A 175 -17.63 3.34 47.33
N ASP A 176 -16.70 4.25 47.00
CA ASP A 176 -17.06 5.65 46.76
C ASP A 176 -18.22 5.75 45.78
N MET A 177 -18.03 5.21 44.59
CA MET A 177 -19.10 5.14 43.61
C MET A 177 -20.08 4.04 44.01
N ARG A 189 -23.99 2.95 38.71
CA ARG A 189 -23.40 1.98 37.79
C ARG A 189 -21.90 2.20 37.59
N VAL A 190 -21.09 1.22 37.99
CA VAL A 190 -19.63 1.30 37.90
C VAL A 190 -19.16 0.53 36.67
N VAL A 191 -18.13 1.05 36.02
CA VAL A 191 -17.51 0.41 34.86
C VAL A 191 -16.08 0.04 35.24
N ILE A 192 -15.75 -1.23 35.12
CA ILE A 192 -14.43 -1.73 35.51
C ILE A 192 -13.72 -2.26 34.28
N GLU A 193 -12.61 -1.63 33.92
CA GLU A 193 -11.92 -1.88 32.66
C GLU A 193 -10.45 -2.14 32.94
N ASP A 194 -9.86 -3.09 32.22
CA ASP A 194 -8.44 -3.34 32.39
C ASP A 194 -7.63 -2.11 32.03
N PHE A 195 -6.49 -1.94 32.68
CA PHE A 195 -5.57 -0.85 32.37
C PHE A 195 -4.66 -1.30 31.23
N LEU A 196 -4.64 -0.55 30.13
CA LEU A 196 -3.79 -0.89 28.99
C LEU A 196 -2.46 -0.17 29.12
N GLN A 197 -1.37 -0.92 29.14
CA GLN A 197 -0.06 -0.33 29.33
C GLN A 197 0.60 -0.04 27.99
N GLY A 198 1.55 0.88 28.02
CA GLY A 198 2.34 1.15 26.83
C GLY A 198 2.14 2.53 26.26
N GLU A 199 2.13 2.61 24.93
CA GLU A 199 2.12 3.88 24.24
C GLU A 199 0.89 3.96 23.34
N GLU A 200 0.28 5.14 23.26
CA GLU A 200 -0.91 5.32 22.43
C GLU A 200 -0.52 5.61 20.99
N ALA A 201 -1.30 5.07 20.05
CA ALA A 201 -1.21 5.47 18.66
C ALA A 201 -2.60 5.47 18.05
N SER A 202 -2.78 6.27 17.01
CA SER A 202 -4.02 6.30 16.27
C SER A 202 -3.80 5.63 14.92
N PHE A 203 -4.69 4.71 14.59
CA PHE A 203 -4.54 3.89 13.39
C PHE A 203 -5.81 4.14 12.60
N ILE A 204 -5.72 5.00 11.60
CA ILE A 204 -6.89 5.44 10.83
C ILE A 204 -6.87 4.71 9.50
N VAL A 205 -8.02 4.16 9.09
CA VAL A 205 -8.10 3.44 7.81
C VAL A 205 -9.36 3.89 7.09
N MET A 206 -9.31 3.88 5.76
CA MET A 206 -10.50 4.00 4.93
C MET A 206 -11.04 2.60 4.72
N VAL A 207 -12.37 2.46 4.79
CA VAL A 207 -13.02 1.16 4.64
C VAL A 207 -14.11 1.31 3.59
N ASP A 208 -14.22 0.33 2.71
CA ASP A 208 -15.24 0.37 1.66
C ASP A 208 -16.35 -0.66 1.88
N GLY A 209 -16.41 -1.24 3.09
CA GLY A 209 -17.33 -2.31 3.42
C GLY A 209 -16.66 -3.67 3.48
N ASN A 210 -15.65 -3.86 2.68
CA ASN A 210 -14.96 -5.14 2.57
C ASN A 210 -13.45 -4.96 2.58
N HIS A 211 -12.92 -3.99 1.85
CA HIS A 211 -11.49 -3.73 1.75
C HIS A 211 -11.10 -2.52 2.62
N VAL A 212 -9.81 -2.46 2.94
CA VAL A 212 -9.30 -1.35 3.73
CA VAL A 212 -9.25 -1.41 3.77
C VAL A 212 -8.11 -0.72 3.02
N LEU A 213 -7.99 0.60 3.20
CA LEU A 213 -6.83 1.36 2.75
C LEU A 213 -6.33 2.15 3.95
N PRO A 214 -5.27 1.68 4.63
CA PRO A 214 -4.81 2.39 5.82
C PRO A 214 -4.28 3.78 5.47
N MET A 215 -4.62 4.74 6.32
CA MET A 215 -3.95 6.04 6.30
C MET A 215 -2.64 5.92 7.07
N ALA A 216 -1.79 6.93 6.94
CA ALA A 216 -0.55 6.93 7.70
C ALA A 216 -0.85 6.88 9.20
N THR A 217 0.08 6.29 9.95
CA THR A 217 -0.04 6.22 11.40
C THR A 217 0.20 7.59 12.02
N SER A 218 -0.30 7.75 13.24
CA SER A 218 -0.12 9.02 13.92
C SER A 218 -0.15 8.78 15.42
N GLN A 219 0.30 9.79 16.16
CA GLN A 219 0.26 9.73 17.62
C GLN A 219 -0.19 11.07 18.16
N ASP A 220 -1.26 11.04 18.94
CA ASP A 220 -1.90 12.21 19.53
C ASP A 220 -1.35 12.44 20.93
N HIS A 221 -1.64 13.61 21.48
CA HIS A 221 -1.27 13.99 22.85
C HIS A 221 -2.55 14.45 23.53
N LYS A 222 -3.24 13.53 24.19
CA LYS A 222 -4.58 13.85 24.65
C LYS A 222 -4.61 14.57 26.00
N ARG A 223 -3.54 14.51 26.77
CA ARG A 223 -3.50 15.30 28.01
C ARG A 223 -3.35 16.79 27.71
N LEU A 224 -3.99 17.63 28.53
CA LEU A 224 -4.05 19.06 28.23
C LEU A 224 -2.67 19.72 28.23
N LEU A 225 -1.82 19.37 29.19
CA LEU A 225 -0.64 20.16 29.53
C LEU A 225 0.65 19.41 29.22
N ASP A 226 1.72 20.18 29.08
CA ASP A 226 3.07 19.63 28.89
C ASP A 226 3.36 18.57 29.94
N GLY A 227 4.09 17.53 29.53
CA GLY A 227 4.39 16.43 30.41
C GLY A 227 3.23 15.48 30.65
N ASP A 228 2.21 15.52 29.78
CA ASP A 228 1.04 14.65 29.91
C ASP A 228 0.35 14.83 31.25
N LYS A 229 0.18 16.09 31.66
CA LYS A 229 -0.49 16.46 32.89
C LYS A 229 -1.82 17.15 32.56
N GLY A 230 -2.59 17.44 33.61
CA GLY A 230 -3.88 18.06 33.44
C GLY A 230 -4.95 17.09 32.97
N PRO A 231 -6.11 17.61 32.59
CA PRO A 231 -7.23 16.74 32.23
C PRO A 231 -7.10 16.19 30.81
N ASN A 232 -7.91 15.18 30.53
CA ASN A 232 -7.98 14.60 29.20
C ASN A 232 -8.71 15.53 28.24
N THR A 233 -8.33 15.47 26.97
CA THR A 233 -8.89 16.31 25.92
C THR A 233 -9.09 15.46 24.68
N GLY A 234 -9.69 16.08 23.66
CA GLY A 234 -9.80 15.42 22.37
C GLY A 234 -8.48 15.24 21.66
N GLY A 235 -7.41 15.85 22.16
CA GLY A 235 -6.11 15.79 21.52
C GLY A 235 -5.52 17.15 21.27
N MET A 236 -4.33 17.41 21.81
CA MET A 236 -3.67 18.71 21.73
C MET A 236 -2.56 18.75 20.69
N GLY A 237 -2.41 17.70 19.91
CA GLY A 237 -1.43 17.72 18.84
C GLY A 237 -1.04 16.32 18.44
N ALA A 238 -0.72 16.12 17.17
CA ALA A 238 -0.45 14.79 16.66
C ALA A 238 0.61 14.92 15.59
N TYR A 239 1.35 13.83 15.37
CA TYR A 239 2.31 13.83 14.29
C TYR A 239 2.22 12.49 13.57
N SER A 240 2.74 12.47 12.34
CA SER A 240 2.66 11.33 11.46
C SER A 240 3.94 11.29 10.63
N PRO A 241 4.56 10.11 10.45
CA PRO A 241 4.15 8.79 10.95
C PRO A 241 4.50 8.63 12.42
N ALA A 242 3.90 7.65 13.09
CA ALA A 242 4.22 7.38 14.48
C ALA A 242 5.17 6.19 14.54
N PRO A 243 6.45 6.37 14.86
CA PRO A 243 7.40 5.25 14.82
C PRO A 243 7.09 4.12 15.78
N VAL A 244 6.27 4.35 16.81
CA VAL A 244 5.88 3.25 17.69
C VAL A 244 5.17 2.17 16.89
N VAL A 245 4.53 2.55 15.78
CA VAL A 245 3.87 1.57 14.91
C VAL A 245 4.92 1.16 13.88
N THR A 246 5.75 0.19 14.28
CA THR A 246 6.72 -0.42 13.38
C THR A 246 6.00 -1.30 12.37
N PRO A 247 6.70 -1.78 11.33
CA PRO A 247 6.05 -2.77 10.43
C PRO A 247 5.50 -3.98 11.18
N ALA A 248 6.20 -4.44 12.22
CA ALA A 248 5.68 -5.57 12.98
C ALA A 248 4.37 -5.21 13.65
N VAL A 249 4.31 -4.01 14.25
CA VAL A 249 3.10 -3.59 14.96
C VAL A 249 1.98 -3.35 13.96
N TYR A 250 2.30 -2.72 12.83
CA TYR A 250 1.32 -2.56 11.76
C TYR A 250 0.68 -3.89 11.40
N GLU A 251 1.52 -4.91 11.15
CA GLU A 251 0.99 -6.21 10.74
C GLU A 251 0.07 -6.81 11.81
N ARG A 252 0.48 -6.74 13.08
CA ARG A 252 -0.38 -7.24 14.14
C ARG A 252 -1.69 -6.45 14.22
N ALA A 253 -1.59 -5.13 14.15
CA ALA A 253 -2.82 -4.33 14.24
C ALA A 253 -3.77 -4.68 13.10
N MET A 254 -3.24 -4.87 11.88
CA MET A 254 -4.10 -5.23 10.76
C MET A 254 -4.68 -6.62 10.97
N ASN A 255 -3.83 -7.57 11.33
CA ASN A 255 -4.25 -8.95 11.44
C ASN A 255 -5.21 -9.17 12.61
N GLU A 256 -4.94 -8.53 13.75
CA GLU A 256 -5.68 -8.81 14.98
C GLU A 256 -6.83 -7.85 15.22
N ILE A 257 -6.77 -6.63 14.69
CA ILE A 257 -7.77 -5.63 15.01
C ILE A 257 -8.52 -5.16 13.75
N ILE A 258 -7.81 -4.56 12.79
CA ILE A 258 -8.50 -3.85 11.72
C ILE A 258 -9.24 -4.82 10.80
N LEU A 259 -8.52 -5.79 10.24
CA LEU A 259 -9.15 -6.71 9.31
C LEU A 259 -10.27 -7.51 9.96
N PRO A 260 -10.10 -8.06 11.17
CA PRO A 260 -11.24 -8.80 11.77
C PRO A 260 -12.43 -7.90 12.12
N THR A 261 -12.20 -6.62 12.40
CA THR A 261 -13.31 -5.72 12.68
C THR A 261 -14.12 -5.47 11.43
N VAL A 262 -13.45 -5.17 10.31
CA VAL A 262 -14.15 -4.96 9.05
C VAL A 262 -14.90 -6.23 8.65
N ALA A 263 -14.22 -7.38 8.74
CA ALA A 263 -14.88 -8.64 8.39
C ALA A 263 -16.03 -8.94 9.34
N GLY A 264 -15.88 -8.60 10.61
CA GLY A 264 -16.94 -8.88 11.56
C GLY A 264 -18.17 -8.02 11.32
N MET A 265 -17.98 -6.72 11.05
CA MET A 265 -19.14 -5.89 10.73
C MET A 265 -19.84 -6.39 9.47
N LYS A 266 -19.06 -6.86 8.49
CA LYS A 266 -19.68 -7.46 7.30
C LYS A 266 -20.46 -8.71 7.66
N ALA A 267 -19.85 -9.59 8.45
CA ALA A 267 -20.54 -10.81 8.85
C ALA A 267 -21.78 -10.51 9.67
N GLU A 268 -21.77 -9.41 10.43
CA GLU A 268 -22.98 -8.99 11.13
C GLU A 268 -24.05 -8.44 10.18
N GLY A 269 -23.77 -8.35 8.87
CA GLY A 269 -24.77 -7.85 7.96
C GLY A 269 -24.91 -6.35 7.93
N HIS A 270 -23.92 -5.63 8.49
CA HIS A 270 -23.90 -4.15 8.47
C HIS A 270 -22.45 -3.72 8.22
N GLU A 271 -22.03 -3.81 6.96
CA GLU A 271 -20.69 -3.41 6.57
C GLU A 271 -20.39 -1.99 7.03
N PHE A 272 -19.16 -1.79 7.48
CA PHE A 272 -18.68 -0.46 7.84
C PHE A 272 -18.07 0.21 6.60
N THR A 273 -18.52 1.43 6.30
CA THR A 273 -17.94 2.22 5.24
C THR A 273 -17.53 3.58 5.82
N GLY A 274 -16.40 4.11 5.38
CA GLY A 274 -16.00 5.42 5.89
C GLY A 274 -14.62 5.40 6.50
N PHE A 275 -14.27 6.42 7.28
CA PHE A 275 -13.02 6.42 8.03
C PHE A 275 -13.26 5.69 9.34
N LEU A 276 -12.43 4.70 9.63
CA LEU A 276 -12.44 4.02 10.92
C LEU A 276 -11.28 4.55 11.74
N TYR A 277 -11.59 5.13 12.90
CA TYR A 277 -10.58 5.79 13.74
C TYR A 277 -10.28 4.90 14.94
N ALA A 278 -9.23 4.09 14.84
CA ALA A 278 -8.89 3.10 15.86
C ALA A 278 -7.83 3.68 16.80
N GLY A 279 -8.15 3.77 18.08
CA GLY A 279 -7.17 4.14 19.08
C GLY A 279 -6.53 2.89 19.63
N LEU A 280 -5.21 2.85 19.59
CA LEU A 280 -4.45 1.67 20.00
C LEU A 280 -3.56 2.00 21.19
N MET A 281 -3.40 1.03 22.08
CA MET A 281 -2.34 1.06 23.09
C MET A 281 -1.38 -0.08 22.77
N ILE A 282 -0.12 0.26 22.50
CA ILE A 282 0.90 -0.71 22.10
CA ILE A 282 0.89 -0.71 22.10
C ILE A 282 1.76 -1.02 23.31
N ASP A 283 1.74 -2.27 23.77
CA ASP A 283 2.48 -2.61 24.97
C ASP A 283 3.96 -2.83 24.62
N GLN A 284 4.76 -3.15 25.65
CA GLN A 284 6.20 -3.22 25.48
C GLN A 284 6.64 -4.42 24.65
N SER A 285 5.75 -5.38 24.40
CA SER A 285 6.05 -6.48 23.48
C SER A 285 5.68 -6.16 22.04
N GLY A 286 5.19 -4.95 21.76
CA GLY A 286 4.68 -4.65 20.44
C GLY A 286 3.30 -5.16 20.16
N ALA A 287 2.53 -5.53 21.20
CA ALA A 287 1.17 -6.06 21.02
C ALA A 287 0.17 -4.93 21.04
N PRO A 288 -0.66 -4.77 20.01
CA PRO A 288 -1.65 -3.69 20.00
C PRO A 288 -2.95 -4.12 20.63
N TYR A 289 -3.51 -3.24 21.46
CA TYR A 289 -4.81 -3.42 22.08
C TYR A 289 -5.69 -2.24 21.71
N THR A 290 -6.97 -2.50 21.46
CA THR A 290 -7.87 -1.45 20.99
C THR A 290 -8.38 -0.65 22.18
N ILE A 291 -8.09 0.65 22.19
CA ILE A 291 -8.71 1.52 23.19
C ILE A 291 -10.19 1.66 22.90
N GLU A 292 -10.49 2.11 21.69
CA GLU A 292 -11.86 2.23 21.21
C GLU A 292 -11.75 2.69 19.77
N PHE A 293 -12.88 2.64 19.06
CA PHE A 293 -13.01 3.29 17.77
C PHE A 293 -13.81 4.57 18.01
N ASN A 294 -13.23 5.71 17.70
CA ASN A 294 -13.91 6.93 18.15
C ASN A 294 -13.30 8.13 17.45
N CYS A 295 -14.17 9.14 17.24
CA CYS A 295 -13.76 10.42 16.68
C CYS A 295 -12.55 11.02 17.36
N ARG A 296 -12.38 10.79 18.66
CA ARG A 296 -11.24 11.43 19.30
C ARG A 296 -9.91 10.89 18.81
N PHE A 297 -9.89 9.83 17.99
CA PHE A 297 -8.65 9.42 17.36
C PHE A 297 -8.53 9.90 15.91
N GLY A 298 -9.37 10.85 15.49
CA GLY A 298 -9.26 11.38 14.15
C GLY A 298 -9.01 12.89 14.06
N ASP A 299 -8.97 13.55 15.22
CA ASP A 299 -8.78 15.00 15.29
C ASP A 299 -8.00 15.28 16.58
N PRO A 300 -6.79 15.86 16.49
CA PRO A 300 -6.14 16.47 15.33
C PRO A 300 -5.29 15.52 14.51
N GLU A 301 -5.52 14.21 14.60
CA GLU A 301 -4.70 13.26 13.83
C GLU A 301 -4.85 13.47 12.32
N THR A 302 -6.06 13.78 11.85
CA THR A 302 -6.27 13.85 10.40
C THR A 302 -5.41 14.95 9.77
N GLN A 303 -5.23 16.06 10.50
CA GLN A 303 -4.55 17.22 9.93
C GLN A 303 -3.13 16.91 9.44
N PRO A 304 -2.21 16.41 10.28
CA PRO A 304 -0.88 16.07 9.74
C PRO A 304 -0.90 14.93 8.75
N ILE A 305 -1.84 13.99 8.88
CA ILE A 305 -1.94 12.90 7.90
C ILE A 305 -2.24 13.45 6.51
N MET A 306 -3.28 14.30 6.40
CA MET A 306 -3.64 14.84 5.09
C MET A 306 -2.52 15.71 4.54
N SER A 307 -1.75 16.34 5.43
CA SER A 307 -0.62 17.16 4.99
C SER A 307 0.48 16.35 4.36
N ARG A 308 0.47 15.02 4.53
CA ARG A 308 1.48 14.12 3.96
C ARG A 308 0.98 13.32 2.76
N LEU A 309 -0.32 13.35 2.46
CA LEU A 309 -0.88 12.48 1.44
C LEU A 309 -0.59 13.05 0.05
N ASN A 310 0.20 12.32 -0.75
CA ASN A 310 0.48 12.79 -2.12
C ASN A 310 -0.65 12.43 -3.06
N SER A 311 -1.40 11.37 -2.75
CA SER A 311 -2.40 10.84 -3.68
C SER A 311 -3.59 11.78 -3.79
N ASP A 312 -4.41 11.52 -4.82
CA ASP A 312 -5.64 12.27 -5.04
C ASP A 312 -6.71 11.71 -4.12
N LEU A 313 -7.05 12.45 -3.06
CA LEU A 313 -8.00 11.91 -2.09
C LEU A 313 -9.39 11.72 -2.70
N ALA A 314 -9.77 12.61 -3.62
CA ALA A 314 -11.07 12.44 -4.28
C ALA A 314 -11.16 11.10 -4.99
N ASP A 315 -10.07 10.68 -5.67
CA ASP A 315 -10.06 9.37 -6.33
C ASP A 315 -10.12 8.23 -5.31
N LEU A 316 -9.43 8.37 -4.18
CA LEU A 316 -9.49 7.33 -3.16
C LEU A 316 -10.89 7.20 -2.58
N VAL A 317 -11.53 8.33 -2.30
CA VAL A 317 -12.87 8.28 -1.74
C VAL A 317 -13.85 7.69 -2.74
N GLU A 318 -13.75 8.10 -4.01
CA GLU A 318 -14.66 7.56 -5.02
C GLU A 318 -14.51 6.04 -5.13
N ALA A 319 -13.26 5.55 -5.15
CA ALA A 319 -13.02 4.11 -5.17
C ALA A 319 -13.65 3.43 -3.96
N ALA A 320 -13.54 4.06 -2.77
CA ALA A 320 -14.13 3.48 -1.58
C ALA A 320 -15.65 3.42 -1.69
N ILE A 321 -16.27 4.53 -2.12
CA ILE A 321 -17.73 4.54 -2.28
C ILE A 321 -18.15 3.45 -3.25
N ASP A 322 -17.33 3.23 -4.30
CA ASP A 322 -17.62 2.21 -5.31
CA ASP A 322 -17.61 2.21 -5.31
C ASP A 322 -17.29 0.79 -4.86
N GLY A 323 -16.76 0.60 -3.65
CA GLY A 323 -16.42 -0.72 -3.17
C GLY A 323 -15.15 -1.30 -3.76
N ARG A 324 -14.26 -0.45 -4.25
CA ARG A 324 -13.05 -0.85 -4.97
C ARG A 324 -11.79 -0.31 -4.32
N LEU A 325 -11.76 -0.21 -2.98
CA LEU A 325 -10.56 0.34 -2.34
C LEU A 325 -9.35 -0.52 -2.61
N ASP A 326 -9.54 -1.80 -2.94
CA ASP A 326 -8.38 -2.64 -3.25
C ASP A 326 -7.77 -2.30 -4.60
N SER A 327 -8.35 -1.37 -5.36
CA SER A 327 -7.79 -0.98 -6.65
C SER A 327 -6.93 0.27 -6.58
N VAL A 328 -6.88 0.96 -5.43
CA VAL A 328 -6.13 2.21 -5.34
C VAL A 328 -5.05 2.06 -4.26
N LYS A 329 -4.17 3.05 -4.22
CA LYS A 329 -3.07 3.07 -3.26
C LYS A 329 -2.89 4.49 -2.76
N ALA A 330 -2.36 4.60 -1.54
CA ALA A 330 -2.01 5.89 -0.97
C ALA A 330 -0.50 6.01 -0.98
N GLU A 331 0.00 7.16 -1.44
CA GLU A 331 1.43 7.43 -1.40
C GLU A 331 1.67 8.68 -0.57
N TRP A 332 2.72 8.63 0.24
CA TRP A 332 2.94 9.59 1.32
C TRP A 332 4.25 10.34 1.11
N ASN A 333 4.22 11.64 1.37
CA ASN A 333 5.46 12.37 1.55
C ASN A 333 6.24 11.72 2.68
N PRO A 334 7.52 11.35 2.47
CA PRO A 334 8.29 10.75 3.57
C PRO A 334 8.55 11.70 4.72
N GLN A 335 8.44 13.01 4.50
CA GLN A 335 8.58 13.97 5.57
C GLN A 335 7.56 13.71 6.68
N THR A 336 8.00 13.90 7.93
CA THR A 336 7.09 13.88 9.06
C THR A 336 6.27 15.16 9.10
N ALA A 337 5.04 15.05 9.56
CA ALA A 337 4.19 16.22 9.79
C ALA A 337 3.85 16.27 11.26
N VAL A 338 3.99 17.46 11.87
CA VAL A 338 3.64 17.67 13.27
C VAL A 338 2.57 18.75 13.32
N GLY A 339 1.46 18.46 13.99
CA GLY A 339 0.39 19.42 14.16
C GLY A 339 0.21 19.80 15.61
N VAL A 340 0.21 21.10 15.91
CA VAL A 340 0.07 21.61 17.28
C VAL A 340 -1.25 22.34 17.40
N VAL A 341 -2.06 21.93 18.37
CA VAL A 341 -3.38 22.55 18.61
C VAL A 341 -3.22 23.80 19.47
N LEU A 342 -3.87 24.89 19.05
CA LEU A 342 -4.09 26.03 19.93
C LEU A 342 -5.53 25.97 20.40
N ALA A 343 -5.72 26.03 21.71
CA ALA A 343 -7.05 25.92 22.30
C ALA A 343 -7.39 27.17 23.10
N ALA A 344 -8.68 27.31 23.39
CA ALA A 344 -9.17 28.47 24.11
C ALA A 344 -8.99 28.29 25.61
N GLN A 345 -9.02 29.41 26.33
CA GLN A 345 -8.96 29.38 27.77
C GLN A 345 -10.10 28.54 28.35
N ASN A 346 -9.76 27.72 29.34
CA ASN A 346 -10.62 26.86 30.15
C ASN A 346 -10.94 25.54 29.47
N TYR A 347 -10.59 25.35 28.20
CA TYR A 347 -10.70 24.03 27.59
C TYR A 347 -9.92 23.02 28.44
N PRO A 348 -10.43 21.80 28.61
CA PRO A 348 -11.61 21.15 28.03
C PRO A 348 -12.93 21.43 28.75
N GLU A 349 -12.91 22.30 29.76
CA GLU A 349 -14.17 22.78 30.31
C GLU A 349 -14.75 23.83 29.36
N THR A 350 -15.89 24.39 29.75
CA THR A 350 -16.60 25.37 28.93
C THR A 350 -15.64 26.47 28.49
N PRO A 351 -15.42 26.65 27.19
CA PRO A 351 -14.34 27.53 26.74
C PRO A 351 -14.74 28.99 26.69
N LYS A 352 -13.76 29.85 26.95
CA LYS A 352 -13.91 31.28 26.70
C LYS A 352 -14.03 31.49 25.19
N LYS A 353 -15.05 32.25 24.77
CA LYS A 353 -15.37 32.39 23.37
C LYS A 353 -15.30 33.87 22.94
N GLY A 354 -15.07 34.08 21.65
CA GLY A 354 -15.26 35.40 21.06
C GLY A 354 -14.05 36.29 21.01
N ASP A 355 -12.84 35.74 21.12
CA ASP A 355 -11.61 36.53 21.09
C ASP A 355 -11.04 36.61 19.68
N VAL A 356 -10.58 37.81 19.31
CA VAL A 356 -10.00 38.02 17.99
C VAL A 356 -8.68 37.27 17.89
N ILE A 357 -8.49 36.56 16.78
CA ILE A 357 -7.26 35.83 16.53
C ILE A 357 -6.37 36.68 15.63
N SER A 358 -5.16 36.98 16.10
CA SER A 358 -4.23 37.78 15.33
C SER A 358 -3.15 36.91 14.70
N GLY A 359 -2.68 37.34 13.53
CA GLY A 359 -1.48 36.78 12.93
C GLY A 359 -1.67 35.67 11.92
N LEU A 360 -2.88 35.44 11.43
CA LEU A 360 -3.08 34.32 10.51
C LEU A 360 -2.48 34.54 9.13
N ASP A 361 -2.05 35.75 8.79
CA ASP A 361 -1.71 36.10 7.41
C ASP A 361 -0.24 35.88 7.05
N ASP A 362 0.66 35.77 8.02
CA ASP A 362 2.09 35.75 7.74
C ASP A 362 2.72 34.37 7.90
N VAL A 363 1.91 33.33 8.07
CA VAL A 363 2.44 31.97 8.18
C VAL A 363 3.15 31.57 6.90
N ASN A 364 2.56 31.88 5.74
CA ASN A 364 3.17 31.72 4.42
C ASN A 364 3.63 30.26 4.26
N ARG A 365 4.85 30.03 3.77
CA ARG A 365 5.36 28.69 3.48
C ARG A 365 5.91 27.99 4.72
N ILE A 366 5.81 28.59 5.90
CA ILE A 366 6.34 27.93 7.09
C ILE A 366 5.51 26.69 7.41
N GLY A 367 4.19 26.78 7.29
CA GLY A 367 3.32 25.67 7.62
C GLY A 367 1.90 25.85 7.10
N LYS A 368 0.98 25.07 7.65
CA LYS A 368 -0.43 25.13 7.27
C LYS A 368 -1.30 25.25 8.52
N VAL A 369 -2.25 26.18 8.50
CA VAL A 369 -3.13 26.41 9.65
C VAL A 369 -4.50 25.81 9.35
N PHE A 370 -4.89 24.76 10.09
CA PHE A 370 -6.24 24.19 9.96
C PHE A 370 -7.12 24.72 11.08
N HIS A 371 -8.29 25.25 10.70
CA HIS A 371 -9.19 25.85 11.67
C HIS A 371 -10.15 24.82 12.21
N ALA A 372 -10.44 24.93 13.51
CA ALA A 372 -11.52 24.16 14.12
C ALA A 372 -12.56 25.14 14.61
N GLY A 373 -12.47 25.60 15.86
CA GLY A 373 -13.49 26.47 16.42
C GLY A 373 -13.27 27.94 16.14
N THR A 374 -13.51 28.37 14.90
CA THR A 374 -13.34 29.76 14.52
C THR A 374 -14.55 30.24 13.73
N THR A 375 -14.84 31.52 13.83
CA THR A 375 -15.88 32.11 13.00
C THR A 375 -15.43 33.53 12.67
N VAL A 376 -16.17 34.18 11.79
CA VAL A 376 -15.88 35.57 11.45
C VAL A 376 -17.06 36.43 11.86
N ASN A 377 -16.77 37.66 12.29
CA ASN A 377 -17.82 38.63 12.58
C ASN A 377 -18.01 39.56 11.38
N GLU A 378 -18.89 40.54 11.55
CA GLU A 378 -19.25 41.41 10.43
C GLU A 378 -18.07 42.23 9.95
N LYS A 379 -17.21 42.66 10.88
CA LYS A 379 -16.04 43.45 10.50
C LYS A 379 -14.96 42.63 9.83
N GLY A 380 -15.05 41.29 9.87
CA GLY A 380 -14.10 40.44 9.19
C GLY A 380 -13.04 39.82 10.07
N ASP A 381 -13.08 40.05 11.38
CA ASP A 381 -12.14 39.44 12.29
C ASP A 381 -12.49 37.97 12.51
N VAL A 382 -11.46 37.15 12.68
CA VAL A 382 -11.65 35.74 12.99
C VAL A 382 -11.68 35.58 14.51
N LEU A 383 -12.74 34.97 15.02
CA LEU A 383 -12.98 34.89 16.46
C LEU A 383 -12.92 33.45 16.94
N THR A 384 -12.44 33.25 18.16
CA THR A 384 -12.52 31.93 18.77
C THR A 384 -13.98 31.55 18.96
N ASN A 385 -14.28 30.27 18.70
CA ASN A 385 -15.66 29.81 18.70
C ASN A 385 -15.73 28.34 19.06
N GLY A 386 -14.97 27.91 20.05
CA GLY A 386 -15.04 26.54 20.49
C GLY A 386 -13.95 26.20 21.48
N GLY A 387 -13.71 24.91 21.66
CA GLY A 387 -12.68 24.46 22.56
C GLY A 387 -11.31 24.51 21.91
N ARG A 388 -11.10 23.66 20.92
CA ARG A 388 -9.89 23.73 20.12
C ARG A 388 -10.11 24.68 18.94
N ILE A 389 -9.15 25.56 18.72
CA ILE A 389 -9.31 26.69 17.79
C ILE A 389 -8.59 26.42 16.47
N LEU A 390 -7.31 26.08 16.53
CA LEU A 390 -6.48 25.88 15.35
C LEU A 390 -5.61 24.66 15.55
N CYS A 391 -5.13 24.11 14.44
CA CYS A 391 -4.06 23.10 14.45
C CYS A 391 -3.05 23.51 13.40
N VAL A 392 -1.81 23.80 13.82
CA VAL A 392 -0.78 24.34 12.94
C VAL A 392 0.17 23.20 12.59
N VAL A 393 0.32 22.91 11.30
CA VAL A 393 1.04 21.74 10.83
C VAL A 393 2.33 22.16 10.16
N GLY A 394 3.45 21.54 10.55
CA GLY A 394 4.73 21.77 9.90
C GLY A 394 5.27 20.44 9.40
N LEU A 395 5.99 20.49 8.28
CA LEU A 395 6.62 19.31 7.69
C LEU A 395 8.13 19.39 7.86
N GLY A 396 8.77 18.25 8.08
CA GLY A 396 10.22 18.22 8.21
C GLY A 396 10.79 16.88 7.78
N ASP A 397 12.08 16.88 7.47
CA ASP A 397 12.72 15.66 7.01
C ASP A 397 12.83 14.61 8.09
N ASP A 398 12.78 15.01 9.35
CA ASP A 398 12.69 14.06 10.45
C ASP A 398 11.78 14.69 11.50
N VAL A 399 11.48 13.93 12.55
CA VAL A 399 10.48 14.42 13.49
C VAL A 399 10.98 15.69 14.18
N ALA A 400 12.27 15.77 14.51
CA ALA A 400 12.79 16.99 15.13
C ALA A 400 12.55 18.22 14.23
N GLN A 401 12.86 18.10 12.93
CA GLN A 401 12.68 19.25 12.04
C GLN A 401 11.21 19.57 11.87
N ALA A 402 10.36 18.55 11.74
CA ALA A 402 8.92 18.77 11.61
C ALA A 402 8.38 19.51 12.83
N LYS A 403 8.84 19.14 14.03
CA LYS A 403 8.39 19.86 15.21
C LYS A 403 8.83 21.32 15.18
N ALA A 404 10.08 21.58 14.78
CA ALA A 404 10.54 22.96 14.73
C ALA A 404 9.73 23.77 13.72
N LYS A 405 9.40 23.16 12.58
CA LYS A 405 8.62 23.86 11.55
C LYS A 405 7.24 24.22 12.07
N ALA A 406 6.59 23.29 12.78
CA ALA A 406 5.23 23.54 13.27
C ALA A 406 5.22 24.66 14.30
N TYR A 407 6.15 24.64 15.24
CA TYR A 407 6.21 25.75 16.19
C TYR A 407 6.69 27.04 15.54
N GLY A 408 7.55 26.95 14.53
CA GLY A 408 7.91 28.15 13.79
C GLY A 408 6.72 28.79 13.09
N ALA A 409 5.84 27.98 12.52
CA ALA A 409 4.67 28.50 11.84
C ALA A 409 3.65 29.08 12.82
N LEU A 410 3.54 28.49 14.01
CA LEU A 410 2.61 28.92 15.03
C LEU A 410 3.05 30.20 15.74
N GLU A 411 4.32 30.58 15.59
CA GLU A 411 4.94 31.60 16.46
C GLU A 411 4.18 32.92 16.49
N LYS A 412 3.62 33.37 15.36
CA LYS A 412 3.03 34.71 15.36
C LYS A 412 1.50 34.71 15.46
N ILE A 413 0.89 33.59 15.81
CA ILE A 413 -0.54 33.55 16.04
C ILE A 413 -0.82 33.84 17.51
N SER A 414 -1.81 34.68 17.80
CA SER A 414 -2.10 35.00 19.18
CA SER A 414 -2.12 34.99 19.19
C SER A 414 -3.60 35.25 19.36
N PHE A 415 -4.10 34.88 20.53
CA PHE A 415 -5.41 35.31 20.98
C PHE A 415 -5.42 35.17 22.49
N ASP A 416 -6.24 35.99 23.14
CA ASP A 416 -6.21 36.07 24.60
C ASP A 416 -6.61 34.74 25.21
N GLY A 417 -5.81 34.28 26.18
CA GLY A 417 -6.10 33.05 26.88
C GLY A 417 -5.75 31.78 26.14
N MET A 418 -5.12 31.90 24.97
CA MET A 418 -4.69 30.72 24.21
C MET A 418 -3.79 29.82 25.05
N GLN A 419 -3.86 28.52 24.77
CA GLN A 419 -3.04 27.55 25.46
C GLN A 419 -2.60 26.48 24.47
N TYR A 420 -1.36 26.03 24.61
CA TYR A 420 -0.90 24.94 23.76
C TYR A 420 0.25 24.26 24.46
N ARG A 421 0.49 23.01 24.07
CA ARG A 421 1.63 22.27 24.60
C ARG A 421 2.87 22.58 23.77
N LYS A 422 4.02 22.61 24.43
CA LYS A 422 5.28 22.84 23.75
C LYS A 422 6.04 21.56 23.49
N ASP A 423 5.49 20.41 23.89
CA ASP A 423 6.21 19.14 23.84
C ASP A 423 5.58 18.16 22.86
N ILE A 424 4.81 18.65 21.88
CA ILE A 424 4.20 17.77 20.90
C ILE A 424 5.31 17.10 20.09
N ALA A 425 5.25 15.76 20.02
CA ALA A 425 6.15 14.86 19.29
C ALA A 425 7.46 14.59 20.04
N ASP A 426 7.60 15.06 21.28
CA ASP A 426 8.84 14.81 22.02
C ASP A 426 9.06 13.32 22.29
N LYS A 427 8.01 12.49 22.34
CA LYS A 427 8.21 11.06 22.54
C LYS A 427 8.90 10.40 21.35
N ALA A 428 8.90 11.05 20.20
CA ALA A 428 9.56 10.54 19.01
C ALA A 428 10.92 11.19 18.77
N ILE A 429 11.26 12.21 19.54
CA ILE A 429 12.53 12.92 19.40
C ILE A 429 13.55 12.43 20.41
N ASN A 430 13.17 12.39 21.69
CA ASN A 430 14.03 11.82 22.71
C ASN A 430 14.50 10.43 22.30
N ARG A 431 13.56 9.60 21.83
CA ARG A 431 13.86 8.27 21.31
C ARG A 431 14.40 8.33 19.89
N HIS B 6 11.24 -17.30 16.04
CA HIS B 6 11.57 -17.38 14.62
C HIS B 6 12.55 -16.29 14.22
N HIS B 7 13.79 -16.38 14.72
CA HIS B 7 14.81 -15.37 14.46
C HIS B 7 16.04 -15.91 13.74
N HIS B 8 16.09 -17.20 13.46
CA HIS B 8 17.18 -17.82 12.70
C HIS B 8 16.60 -18.71 11.62
N MET B 9 15.75 -18.12 10.78
CA MET B 9 15.05 -18.88 9.75
C MET B 9 15.99 -19.26 8.63
N LYS B 10 15.83 -20.48 8.14
CA LYS B 10 16.49 -20.93 6.92
C LYS B 10 15.44 -21.09 5.84
N LEU B 11 15.70 -20.52 4.66
CA LEU B 11 14.75 -20.53 3.55
C LEU B 11 15.38 -21.17 2.33
N LEU B 12 14.54 -21.42 1.32
CA LEU B 12 14.99 -22.08 0.09
C LEU B 12 14.40 -21.36 -1.10
N VAL B 13 15.24 -21.05 -2.07
CA VAL B 13 14.83 -20.47 -3.33
C VAL B 13 15.19 -21.47 -4.43
N ILE B 14 14.22 -21.76 -5.30
CA ILE B 14 14.44 -22.69 -6.42
C ILE B 14 14.79 -21.89 -7.66
N GLY B 15 15.91 -22.20 -8.29
CA GLY B 15 16.24 -21.55 -9.53
C GLY B 15 17.70 -21.15 -9.63
N ASN B 16 18.07 -20.51 -10.73
CA ASN B 16 19.46 -20.12 -10.90
C ASN B 16 19.62 -18.85 -11.73
N GLY B 17 18.54 -18.10 -11.94
CA GLY B 17 18.61 -16.89 -12.74
C GLY B 17 18.83 -15.64 -11.89
N GLY B 18 18.95 -14.50 -12.59
CA GLY B 18 19.14 -13.24 -11.90
C GLY B 18 17.96 -12.84 -11.04
N ARG B 19 16.74 -13.20 -11.44
CA ARG B 19 15.60 -12.97 -10.56
C ARG B 19 15.77 -13.72 -9.24
N GLU B 20 16.23 -14.97 -9.31
CA GLU B 20 16.42 -15.77 -8.11
C GLU B 20 17.56 -15.26 -7.25
N HIS B 21 18.63 -14.74 -7.87
CA HIS B 21 19.67 -14.11 -7.06
C HIS B 21 19.08 -12.92 -6.29
N ALA B 22 18.30 -12.08 -6.98
CA ALA B 22 17.73 -10.91 -6.32
C ALA B 22 16.76 -11.30 -5.21
N LEU B 23 15.92 -12.31 -5.45
CA LEU B 23 14.97 -12.72 -4.45
C LEU B 23 15.69 -13.28 -3.23
N ALA B 24 16.66 -14.17 -3.46
CA ALA B 24 17.41 -14.75 -2.36
C ALA B 24 18.19 -13.70 -1.60
N TRP B 25 18.86 -12.80 -2.33
CA TRP B 25 19.58 -11.72 -1.69
C TRP B 25 18.66 -10.86 -0.82
N LYS B 26 17.46 -10.54 -1.33
CA LYS B 26 16.57 -9.68 -0.56
C LYS B 26 16.01 -10.41 0.66
N LEU B 27 15.63 -11.68 0.49
CA LEU B 27 15.22 -12.49 1.63
C LEU B 27 16.28 -12.49 2.72
N ALA B 28 17.56 -12.63 2.33
CA ALA B 28 18.64 -12.68 3.31
C ALA B 28 18.85 -11.34 4.02
N GLN B 29 18.31 -10.25 3.50
CA GLN B 29 18.40 -8.98 4.21
C GLN B 29 17.60 -8.99 5.51
N SER B 30 16.62 -9.88 5.64
CA SER B 30 15.81 -9.91 6.85
C SER B 30 16.68 -10.21 8.06
N PRO B 31 16.53 -9.46 9.15
CA PRO B 31 17.29 -9.82 10.36
C PRO B 31 16.83 -11.12 10.99
N LYS B 32 15.68 -11.65 10.58
CA LYS B 32 15.14 -12.90 11.09
C LYS B 32 15.61 -14.12 10.32
N VAL B 33 16.36 -13.93 9.23
CA VAL B 33 16.79 -15.02 8.36
C VAL B 33 18.26 -15.29 8.63
N GLU B 34 18.61 -16.56 8.80
CA GLU B 34 20.00 -16.97 8.99
C GLU B 34 20.65 -17.36 7.67
N THR B 35 19.95 -18.16 6.85
CA THR B 35 20.51 -18.65 5.60
C THR B 35 19.40 -18.75 4.57
N VAL B 36 19.73 -18.42 3.33
CA VAL B 36 18.86 -18.67 2.19
C VAL B 36 19.58 -19.64 1.27
N PHE B 37 19.11 -20.88 1.22
CA PHE B 37 19.64 -21.84 0.28
C PHE B 37 19.07 -21.57 -1.10
N VAL B 38 19.91 -21.75 -2.12
CA VAL B 38 19.51 -21.55 -3.51
C VAL B 38 19.84 -22.81 -4.30
N ALA B 39 18.83 -23.40 -4.94
CA ALA B 39 18.98 -24.70 -5.61
C ALA B 39 18.69 -24.57 -7.10
N PRO B 40 19.69 -24.62 -7.98
CA PRO B 40 21.13 -24.82 -7.74
C PRO B 40 21.89 -23.52 -7.46
N GLY B 41 21.26 -22.35 -7.72
CA GLY B 41 21.96 -21.08 -7.63
C GLY B 41 22.97 -20.89 -8.76
N ASN B 42 23.84 -19.90 -8.57
CA ASN B 42 24.85 -19.59 -9.58
C ASN B 42 26.11 -19.08 -8.89
N ALA B 43 27.02 -18.51 -9.67
CA ALA B 43 28.26 -18.00 -9.10
C ALA B 43 28.01 -16.79 -8.21
N GLY B 44 26.93 -16.06 -8.45
CA GLY B 44 26.65 -14.88 -7.67
C GLY B 44 26.07 -15.20 -6.32
N THR B 45 25.15 -16.17 -6.27
CA THR B 45 24.62 -16.59 -4.99
C THR B 45 25.65 -17.38 -4.19
N ALA B 46 26.63 -17.98 -4.87
CA ALA B 46 27.70 -18.69 -4.16
C ALA B 46 28.52 -17.74 -3.30
N ILE B 47 28.81 -16.54 -3.82
CA ILE B 47 29.62 -15.57 -3.08
C ILE B 47 28.79 -14.69 -2.15
N GLU B 48 27.48 -14.69 -2.31
CA GLU B 48 26.64 -13.80 -1.51
C GLU B 48 26.68 -14.24 -0.04
N SER B 49 26.74 -13.26 0.85
CA SER B 49 26.65 -13.55 2.27
C SER B 49 25.23 -14.01 2.62
N LYS B 50 25.15 -14.98 3.54
CA LYS B 50 23.93 -15.62 4.01
C LYS B 50 23.30 -16.53 2.97
N LEU B 51 23.83 -16.59 1.75
CA LEU B 51 23.35 -17.49 0.72
C LEU B 51 24.26 -18.69 0.59
N GLN B 52 23.68 -19.83 0.26
CA GLN B 52 24.42 -21.08 0.12
C GLN B 52 23.77 -21.89 -1.01
N ASN B 53 24.55 -22.20 -2.04
CA ASN B 53 24.02 -23.03 -3.12
C ASN B 53 23.94 -24.48 -2.66
N ILE B 54 22.90 -25.19 -3.10
CA ILE B 54 22.82 -26.64 -2.94
C ILE B 54 22.51 -27.25 -4.30
N ALA B 55 23.17 -28.35 -4.62
CA ALA B 55 23.06 -28.96 -5.95
C ALA B 55 22.05 -30.10 -5.95
N LEU B 56 20.82 -29.77 -5.61
CA LEU B 56 19.71 -30.72 -5.66
C LEU B 56 18.67 -30.18 -6.62
N THR B 57 18.07 -31.08 -7.41
CA THR B 57 17.05 -30.64 -8.37
C THR B 57 15.82 -31.53 -8.35
N ALA B 58 15.98 -32.81 -8.02
CA ALA B 58 14.83 -33.69 -7.84
C ALA B 58 13.93 -33.15 -6.74
N TYR B 59 12.62 -33.13 -6.99
CA TYR B 59 11.71 -32.50 -6.03
C TYR B 59 11.70 -33.24 -4.70
N GLN B 60 11.73 -34.57 -4.73
CA GLN B 60 11.71 -35.30 -3.49
C GLN B 60 13.02 -35.12 -2.72
N ASP B 61 14.13 -34.93 -3.42
CA ASP B 61 15.39 -34.55 -2.76
C ASP B 61 15.24 -33.21 -2.07
N LEU B 62 14.65 -32.23 -2.75
CA LEU B 62 14.46 -30.91 -2.14
C LEU B 62 13.50 -30.99 -0.95
N ILE B 63 12.46 -31.80 -1.07
CA ILE B 63 11.52 -31.96 0.05
C ILE B 63 12.23 -32.57 1.25
N GLU B 64 13.00 -33.64 1.03
CA GLU B 64 13.77 -34.24 2.11
C GLU B 64 14.75 -33.23 2.70
N PHE B 65 15.40 -32.44 1.84
CA PHE B 65 16.28 -31.38 2.30
C PHE B 65 15.55 -30.42 3.23
N CYS B 66 14.38 -29.93 2.82
CA CYS B 66 13.64 -28.97 3.65
C CYS B 66 13.33 -29.54 5.03
N ARG B 67 12.96 -30.81 5.09
CA ARG B 67 12.69 -31.43 6.39
C ARG B 67 13.96 -31.54 7.23
N LYS B 68 15.06 -31.98 6.62
CA LYS B 68 16.30 -32.17 7.39
C LYS B 68 16.82 -30.84 7.91
N GLU B 69 16.75 -29.79 7.10
CA GLU B 69 17.28 -28.48 7.45
C GLU B 69 16.26 -27.59 8.16
N ASN B 70 15.03 -28.07 8.34
CA ASN B 70 13.97 -27.28 8.98
C ASN B 70 13.74 -25.96 8.25
N ILE B 71 13.75 -26.03 6.91
CA ILE B 71 13.43 -24.87 6.09
C ILE B 71 12.03 -24.38 6.41
N VAL B 72 11.89 -23.08 6.66
CA VAL B 72 10.58 -22.52 6.99
C VAL B 72 9.68 -22.49 5.76
N PHE B 73 10.19 -21.97 4.66
CA PHE B 73 9.40 -21.96 3.43
C PHE B 73 10.33 -21.87 2.24
N THR B 74 9.77 -22.16 1.08
CA THR B 74 10.45 -22.19 -0.21
C THR B 74 9.76 -21.20 -1.13
N VAL B 75 10.55 -20.53 -1.98
CA VAL B 75 10.06 -19.63 -3.02
C VAL B 75 10.53 -20.17 -4.35
N VAL B 76 9.62 -20.32 -5.30
CA VAL B 76 9.96 -20.87 -6.62
C VAL B 76 10.03 -19.73 -7.61
N GLY B 77 11.18 -19.57 -8.25
CA GLY B 77 11.34 -18.58 -9.28
C GLY B 77 10.68 -18.96 -10.60
N PRO B 78 11.25 -19.97 -11.28
CA PRO B 78 10.96 -20.16 -12.71
C PRO B 78 9.70 -20.98 -13.00
N GLU B 79 9.22 -20.82 -14.25
CA GLU B 79 7.91 -21.34 -14.64
C GLU B 79 7.91 -22.85 -14.80
N ALA B 80 9.03 -23.45 -15.24
CA ALA B 80 8.97 -24.87 -15.60
C ALA B 80 8.64 -25.75 -14.40
N PRO B 81 9.28 -25.61 -13.24
CA PRO B 81 8.85 -26.44 -12.11
C PRO B 81 7.43 -26.13 -11.65
N LEU B 82 7.00 -24.87 -11.77
CA LEU B 82 5.62 -24.56 -11.41
C LEU B 82 4.65 -25.34 -12.28
N ALA B 83 4.88 -25.34 -13.60
CA ALA B 83 4.01 -26.06 -14.52
C ALA B 83 4.03 -27.56 -14.24
N ALA B 84 5.11 -28.07 -13.66
CA ALA B 84 5.22 -29.50 -13.35
C ALA B 84 4.61 -29.84 -12.00
N GLY B 85 4.09 -28.86 -11.28
CA GLY B 85 3.45 -29.10 -10.00
C GLY B 85 4.39 -29.26 -8.83
N ILE B 86 5.53 -28.55 -8.83
CA ILE B 86 6.40 -28.62 -7.66
C ILE B 86 5.68 -28.13 -6.41
N VAL B 87 4.77 -27.15 -6.57
CA VAL B 87 4.03 -26.64 -5.42
C VAL B 87 3.10 -27.72 -4.88
N ASP B 88 2.40 -28.43 -5.77
CA ASP B 88 1.52 -29.51 -5.35
C ASP B 88 2.31 -30.54 -4.53
N ASP B 89 3.51 -30.89 -5.00
CA ASP B 89 4.30 -31.92 -4.31
C ASP B 89 4.80 -31.44 -2.96
N PHE B 90 5.25 -30.18 -2.88
CA PHE B 90 5.71 -29.64 -1.60
C PHE B 90 4.57 -29.59 -0.59
N ARG B 91 3.40 -29.13 -1.02
CA ARG B 91 2.27 -29.05 -0.10
C ARG B 91 1.77 -30.42 0.30
N ALA B 92 1.77 -31.40 -0.62
CA ALA B 92 1.37 -32.75 -0.24
C ALA B 92 2.31 -33.32 0.80
N ALA B 93 3.55 -32.83 0.84
CA ALA B 93 4.52 -33.25 1.84
C ALA B 93 4.44 -32.43 3.11
N GLY B 94 3.51 -31.50 3.20
CA GLY B 94 3.32 -30.69 4.38
C GLY B 94 4.21 -29.48 4.47
N LEU B 95 4.79 -29.04 3.36
CA LEU B 95 5.76 -27.94 3.37
C LEU B 95 5.11 -26.66 2.85
N LYS B 96 5.60 -25.53 3.35
CA LYS B 96 5.11 -24.22 2.94
C LYS B 96 5.92 -23.72 1.75
N ILE B 97 5.22 -23.18 0.75
CA ILE B 97 5.89 -22.83 -0.50
C ILE B 97 5.09 -21.73 -1.19
N PHE B 98 5.79 -20.74 -1.71
CA PHE B 98 5.19 -19.58 -2.36
C PHE B 98 5.35 -19.77 -3.87
N GLY B 99 4.23 -19.97 -4.55
CA GLY B 99 4.21 -20.22 -5.98
C GLY B 99 2.89 -20.88 -6.34
N PRO B 100 2.53 -20.88 -7.61
CA PRO B 100 1.21 -21.41 -8.00
C PRO B 100 1.21 -22.92 -8.11
N THR B 101 0.04 -23.51 -7.78
CA THR B 101 -0.13 -24.93 -8.04
C THR B 101 -0.02 -25.18 -9.54
N GLN B 102 0.10 -26.46 -9.89
CA GLN B 102 0.16 -26.83 -11.30
C GLN B 102 -1.02 -26.26 -12.07
N TYR B 103 -2.22 -26.38 -11.53
CA TYR B 103 -3.37 -25.83 -12.24
C TYR B 103 -3.23 -24.32 -12.40
N ALA B 104 -2.97 -23.61 -11.29
CA ALA B 104 -2.93 -22.15 -11.37
C ALA B 104 -1.81 -21.67 -12.26
N ALA B 105 -0.73 -22.43 -12.34
CA ALA B 105 0.39 -22.03 -13.19
C ALA B 105 0.02 -22.03 -14.67
N GLN B 106 -1.09 -22.67 -15.05
CA GLN B 106 -1.52 -22.62 -16.44
C GLN B 106 -1.76 -21.18 -16.89
N LEU B 107 -2.11 -20.30 -15.95
CA LEU B 107 -2.31 -18.89 -16.28
C LEU B 107 -1.06 -18.29 -16.91
N GLU B 108 0.11 -18.72 -16.47
CA GLU B 108 1.38 -18.20 -16.97
C GLU B 108 2.04 -19.11 -17.99
N SER B 109 1.62 -20.38 -18.07
CA SER B 109 2.34 -21.40 -18.80
C SER B 109 1.55 -22.10 -19.90
N SER B 110 0.24 -21.86 -20.00
CA SER B 110 -0.57 -22.51 -21.03
C SER B 110 -1.33 -21.45 -21.83
N LYS B 111 -0.98 -21.30 -23.10
CA LYS B 111 -1.68 -20.31 -23.92
C LYS B 111 -3.17 -20.65 -24.02
N ASP B 112 -3.49 -21.92 -24.27
CA ASP B 112 -4.89 -22.33 -24.35
C ASP B 112 -5.64 -21.98 -23.08
N PHE B 113 -5.03 -22.22 -21.92
CA PHE B 113 -5.72 -21.85 -20.68
C PHE B 113 -5.88 -20.34 -20.57
N ALA B 114 -4.84 -19.58 -20.93
CA ALA B 114 -4.82 -18.16 -20.59
C ALA B 114 -5.84 -17.36 -21.38
N LYS B 115 -5.95 -17.60 -22.69
CA LYS B 115 -6.91 -16.77 -23.42
C LYS B 115 -8.34 -17.29 -23.26
N ALA B 116 -8.52 -18.60 -23.07
CA ALA B 116 -9.81 -19.08 -22.57
C ALA B 116 -10.18 -18.39 -21.27
N PHE B 117 -9.20 -18.20 -20.39
CA PHE B 117 -9.46 -17.53 -19.13
C PHE B 117 -9.83 -16.07 -19.34
N MET B 118 -9.01 -15.35 -20.11
CA MET B 118 -9.21 -13.92 -20.20
C MET B 118 -10.50 -13.59 -20.96
N VAL B 119 -10.94 -14.49 -21.84
CA VAL B 119 -12.25 -14.37 -22.46
C VAL B 119 -13.34 -14.57 -21.41
N LYS B 120 -13.25 -15.63 -20.62
CA LYS B 120 -14.33 -15.93 -19.69
C LYS B 120 -14.51 -14.81 -18.67
N TYR B 121 -13.41 -14.21 -18.21
CA TYR B 121 -13.47 -13.21 -17.15
C TYR B 121 -13.26 -11.78 -17.65
N ASN B 122 -13.28 -11.57 -18.97
CA ASN B 122 -13.33 -10.23 -19.55
C ASN B 122 -12.09 -9.40 -19.17
N ILE B 123 -10.94 -10.05 -19.15
CA ILE B 123 -9.66 -9.39 -18.93
C ILE B 123 -9.22 -8.74 -20.24
N PRO B 124 -8.97 -7.43 -20.29
CA PRO B 124 -8.57 -6.79 -21.54
C PRO B 124 -7.23 -7.33 -22.05
N THR B 125 -7.20 -7.70 -23.32
CA THR B 125 -6.00 -8.31 -23.88
C THR B 125 -6.14 -8.28 -25.40
N ALA B 126 -5.14 -8.79 -26.10
CA ALA B 126 -5.20 -8.85 -27.56
C ALA B 126 -5.94 -10.12 -27.95
N GLN B 127 -7.12 -9.97 -28.55
CA GLN B 127 -7.83 -11.13 -29.06
C GLN B 127 -7.01 -11.75 -30.19
N TYR B 128 -7.07 -13.06 -30.30
CA TYR B 128 -6.28 -13.71 -31.31
C TYR B 128 -7.00 -14.96 -31.78
N GLN B 129 -6.46 -15.55 -32.83
CA GLN B 129 -7.11 -16.70 -33.45
C GLN B 129 -6.06 -17.41 -34.28
N THR B 130 -5.88 -18.70 -34.00
CA THR B 130 -4.99 -19.54 -34.79
C THR B 130 -5.76 -20.08 -35.98
N PHE B 131 -5.05 -20.28 -37.09
CA PHE B 131 -5.74 -20.53 -38.34
C PHE B 131 -5.14 -21.71 -39.08
N GLU B 132 -5.99 -22.23 -39.97
CA GLU B 132 -5.85 -23.56 -40.53
C GLU B 132 -5.50 -23.48 -42.01
N ASN B 133 -6.44 -23.05 -42.86
CA ASN B 133 -6.18 -22.77 -44.26
C ASN B 133 -5.98 -21.28 -44.43
N ALA B 134 -5.22 -20.91 -45.47
CA ALA B 134 -4.95 -19.50 -45.72
C ALA B 134 -6.23 -18.73 -46.03
N ASP B 135 -7.20 -19.35 -46.69
CA ASP B 135 -8.45 -18.67 -47.03
C ASP B 135 -9.18 -18.23 -45.76
N ALA B 136 -9.18 -19.06 -44.72
CA ALA B 136 -9.81 -18.67 -43.47
C ALA B 136 -9.03 -17.57 -42.77
N ALA B 137 -7.71 -17.60 -42.88
CA ALA B 137 -6.89 -16.55 -42.28
C ALA B 137 -7.11 -15.22 -43.00
N HIS B 138 -7.15 -15.25 -44.33
CA HIS B 138 -7.34 -14.01 -45.09
C HIS B 138 -8.67 -13.36 -44.74
N ASP B 139 -9.74 -14.15 -44.66
CA ASP B 139 -11.05 -13.57 -44.34
C ASP B 139 -11.04 -12.93 -42.97
N TYR B 140 -10.32 -13.52 -42.02
CA TYR B 140 -10.27 -12.98 -40.66
C TYR B 140 -9.62 -11.61 -40.65
N VAL B 141 -8.48 -11.46 -41.34
CA VAL B 141 -7.79 -10.17 -41.27
C VAL B 141 -8.56 -9.12 -42.05
N ASN B 142 -9.32 -9.52 -43.08
CA ASN B 142 -10.14 -8.58 -43.82
C ASN B 142 -11.24 -7.98 -42.95
N GLN B 143 -11.84 -8.79 -42.08
CA GLN B 143 -12.86 -8.28 -41.18
C GLN B 143 -12.24 -7.54 -40.00
N LYS B 144 -11.08 -8.01 -39.52
CA LYS B 144 -10.42 -7.35 -38.41
C LYS B 144 -9.71 -6.08 -38.85
N GLY B 145 -9.07 -6.09 -40.01
CA GLY B 145 -8.37 -4.94 -40.53
C GLY B 145 -7.02 -4.72 -39.88
N ALA B 146 -6.25 -3.82 -40.47
CA ALA B 146 -4.92 -3.49 -40.00
C ALA B 146 -4.97 -2.30 -39.05
N PRO B 147 -3.97 -2.11 -38.18
CA PRO B 147 -2.80 -2.97 -37.98
C PRO B 147 -3.15 -4.28 -37.28
N ILE B 148 -2.33 -5.31 -37.48
CA ILE B 148 -2.59 -6.64 -36.93
C ILE B 148 -1.29 -7.42 -36.95
N VAL B 149 -1.16 -8.38 -36.04
CA VAL B 149 0.06 -9.14 -35.84
C VAL B 149 -0.14 -10.53 -36.43
N ILE B 150 0.82 -10.97 -37.24
CA ILE B 150 0.84 -12.30 -37.85
C ILE B 150 2.04 -13.04 -37.28
N LYS B 151 1.78 -14.17 -36.61
CA LYS B 151 2.82 -14.91 -35.90
C LYS B 151 2.83 -16.36 -36.36
N ALA B 152 4.02 -16.88 -36.59
CA ALA B 152 4.22 -18.30 -36.92
C ALA B 152 3.61 -19.21 -35.85
N VAL B 161 7.18 -13.58 -36.71
CA VAL B 161 6.29 -12.57 -36.16
C VAL B 161 6.34 -11.28 -36.99
N ILE B 162 5.19 -10.89 -37.53
CA ILE B 162 5.06 -9.75 -38.43
C ILE B 162 4.02 -8.81 -37.89
N VAL B 163 4.40 -7.57 -37.65
CA VAL B 163 3.45 -6.50 -37.31
C VAL B 163 3.03 -5.86 -38.62
N ALA B 164 1.82 -6.19 -39.08
CA ALA B 164 1.32 -5.73 -40.38
C ALA B 164 0.65 -4.37 -40.22
N MET B 165 1.20 -3.36 -40.90
CA MET B 165 0.65 -2.01 -40.83
C MET B 165 -0.46 -1.79 -41.85
N THR B 166 -0.50 -2.61 -42.90
CA THR B 166 -1.54 -2.57 -43.91
C THR B 166 -2.08 -3.99 -44.14
N LEU B 167 -3.23 -4.06 -44.80
CA LEU B 167 -3.78 -5.38 -45.15
C LEU B 167 -2.87 -6.10 -46.14
N ASP B 168 -2.25 -5.37 -47.06
CA ASP B 168 -1.26 -5.99 -47.95
C ASP B 168 -0.22 -6.77 -47.18
N GLU B 169 0.40 -6.12 -46.19
CA GLU B 169 1.43 -6.80 -45.38
C GLU B 169 0.83 -7.99 -44.64
N ALA B 170 -0.40 -7.87 -44.15
CA ALA B 170 -1.02 -8.97 -43.42
C ALA B 170 -1.26 -10.16 -44.34
N HIS B 171 -1.95 -9.93 -45.47
CA HIS B 171 -2.18 -10.99 -46.44
C HIS B 171 -0.86 -11.60 -46.91
N ALA B 172 0.16 -10.77 -47.12
CA ALA B 172 1.46 -11.28 -47.54
C ALA B 172 2.03 -12.23 -46.49
N ALA B 173 2.08 -11.77 -45.24
CA ALA B 173 2.66 -12.58 -44.16
C ALA B 173 1.96 -13.92 -44.04
N ILE B 174 0.63 -13.93 -44.21
CA ILE B 174 -0.12 -15.18 -44.11
C ILE B 174 0.36 -16.17 -45.17
N ASP B 175 0.37 -15.75 -46.44
CA ASP B 175 0.86 -16.62 -47.50
C ASP B 175 2.30 -17.04 -47.26
N ASP B 176 3.11 -16.11 -46.71
CA ASP B 176 4.52 -16.39 -46.50
C ASP B 176 4.72 -17.56 -45.54
N MET B 177 3.99 -17.56 -44.42
CA MET B 177 4.15 -18.61 -43.43
C MET B 177 3.29 -19.83 -43.74
N LEU B 178 2.16 -19.64 -44.41
CA LEU B 178 1.22 -20.73 -44.67
C LEU B 178 1.30 -21.23 -46.10
N GLU B 188 0.70 -27.02 -39.51
CA GLU B 188 1.18 -25.70 -39.95
C GLU B 188 0.09 -24.65 -39.77
N ARG B 189 0.14 -23.93 -38.65
CA ARG B 189 -0.86 -22.94 -38.28
C ARG B 189 -0.21 -21.57 -38.14
N VAL B 190 -1.01 -20.52 -38.35
CA VAL B 190 -0.57 -19.15 -38.17
C VAL B 190 -1.45 -18.50 -37.11
N VAL B 191 -0.85 -17.64 -36.28
CA VAL B 191 -1.55 -16.96 -35.20
C VAL B 191 -1.72 -15.50 -35.59
N ILE B 192 -2.95 -15.00 -35.49
CA ILE B 192 -3.28 -13.63 -35.88
C ILE B 192 -3.78 -12.90 -34.64
N GLU B 193 -2.98 -11.96 -34.15
CA GLU B 193 -3.20 -11.32 -32.85
C GLU B 193 -3.40 -9.83 -33.05
N ASP B 194 -4.36 -9.26 -32.31
CA ASP B 194 -4.54 -7.82 -32.34
C ASP B 194 -3.24 -7.12 -31.98
N PHE B 195 -2.98 -5.99 -32.63
CA PHE B 195 -1.82 -5.18 -32.30
C PHE B 195 -2.14 -4.28 -31.11
N LEU B 196 -1.29 -4.29 -30.09
CA LEU B 196 -1.46 -3.44 -28.91
C LEU B 196 -0.55 -2.23 -29.04
N GLN B 197 -1.13 -1.04 -28.98
CA GLN B 197 -0.38 0.20 -29.17
C GLN B 197 0.08 0.76 -27.83
N GLY B 198 1.11 1.60 -27.89
CA GLY B 198 1.56 2.27 -26.70
C GLY B 198 2.91 1.81 -26.18
N GLU B 199 2.99 1.67 -24.86
CA GLU B 199 4.24 1.48 -24.15
C GLU B 199 4.11 0.27 -23.24
N GLU B 200 5.22 -0.47 -23.08
CA GLU B 200 5.24 -1.67 -22.26
C GLU B 200 5.52 -1.32 -20.81
N ALA B 201 4.89 -2.07 -19.90
CA ALA B 201 5.26 -2.01 -18.50
C ALA B 201 5.10 -3.40 -17.91
N SER B 202 5.88 -3.70 -16.88
CA SER B 202 5.74 -4.94 -16.15
C SER B 202 5.08 -4.63 -14.82
N PHE B 203 3.93 -5.26 -14.58
CA PHE B 203 3.13 -5.03 -13.39
C PHE B 203 3.18 -6.32 -12.58
N ILE B 204 4.06 -6.35 -11.59
CA ILE B 204 4.35 -7.56 -10.81
C ILE B 204 3.62 -7.45 -9.47
N VAL B 205 2.90 -8.51 -9.08
CA VAL B 205 2.19 -8.49 -7.80
C VAL B 205 2.41 -9.81 -7.09
N MET B 206 2.42 -9.75 -5.75
CA MET B 206 2.31 -10.94 -4.93
C MET B 206 0.85 -11.25 -4.72
N VAL B 207 0.51 -12.54 -4.74
CA VAL B 207 -0.88 -12.99 -4.59
C VAL B 207 -0.91 -14.10 -3.55
N ASP B 208 -1.88 -14.04 -2.64
CA ASP B 208 -1.96 -15.06 -1.59
C ASP B 208 -3.13 -15.99 -1.80
N GLY B 209 -3.72 -15.98 -2.99
CA GLY B 209 -4.94 -16.72 -3.28
C GLY B 209 -6.16 -15.82 -3.38
N ASN B 210 -6.18 -14.73 -2.60
CA ASN B 210 -7.36 -13.90 -2.51
C ASN B 210 -6.98 -12.42 -2.56
N HIS B 211 -5.89 -12.06 -1.89
CA HIS B 211 -5.42 -10.69 -1.74
C HIS B 211 -4.17 -10.47 -2.57
N VAL B 212 -3.92 -9.21 -2.93
CA VAL B 212 -2.73 -8.90 -3.72
CA VAL B 212 -2.79 -8.83 -3.76
C VAL B 212 -1.94 -7.82 -3.01
N LEU B 213 -0.62 -7.87 -3.23
CA LEU B 213 0.31 -6.84 -2.76
C LEU B 213 1.18 -6.49 -3.96
N PRO B 214 0.92 -5.38 -4.64
CA PRO B 214 1.70 -5.06 -5.83
C PRO B 214 3.14 -4.74 -5.46
N MET B 215 4.06 -5.22 -6.29
CA MET B 215 5.43 -4.72 -6.24
C MET B 215 5.51 -3.40 -6.98
N ALA B 216 6.66 -2.73 -6.83
CA ALA B 216 6.85 -1.48 -7.55
C ALA B 216 6.78 -1.72 -9.05
N THR B 217 6.39 -0.67 -9.78
CA THR B 217 6.26 -0.78 -11.22
C THR B 217 7.64 -0.80 -11.87
N SER B 218 7.69 -1.29 -13.10
CA SER B 218 8.95 -1.36 -13.82
C SER B 218 8.69 -1.39 -15.31
N GLN B 219 9.73 -1.06 -16.07
CA GLN B 219 9.66 -1.11 -17.53
C GLN B 219 10.90 -1.79 -18.07
N ASP B 220 10.69 -2.84 -18.86
CA ASP B 220 11.74 -3.64 -19.48
C ASP B 220 12.01 -3.13 -20.89
N HIS B 221 13.17 -3.54 -21.44
CA HIS B 221 13.60 -3.23 -22.80
C HIS B 221 13.91 -4.56 -23.48
N LYS B 222 12.92 -5.12 -24.17
CA LYS B 222 13.06 -6.49 -24.64
C LYS B 222 13.79 -6.60 -25.97
N ARG B 223 14.03 -5.49 -26.66
CA ARG B 223 14.82 -5.53 -27.88
C ARG B 223 16.30 -5.64 -27.56
N LEU B 224 17.04 -6.34 -28.42
CA LEU B 224 18.42 -6.67 -28.12
C LEU B 224 19.32 -5.45 -28.07
N LEU B 225 19.09 -4.45 -28.92
CA LEU B 225 20.02 -3.35 -29.12
C LEU B 225 19.34 -2.01 -28.96
N ASP B 226 20.16 -0.96 -28.83
CA ASP B 226 19.66 0.40 -28.70
C ASP B 226 18.77 0.78 -29.87
N GLY B 227 17.85 1.71 -29.62
CA GLY B 227 16.84 2.07 -30.61
C GLY B 227 15.75 1.03 -30.78
N ASP B 228 15.65 0.07 -29.87
CA ASP B 228 14.68 -1.02 -29.96
C ASP B 228 14.91 -1.84 -31.24
N LYS B 229 16.17 -2.06 -31.57
CA LYS B 229 16.57 -2.84 -32.73
C LYS B 229 17.02 -4.23 -32.29
N GLY B 230 17.30 -5.08 -33.27
CA GLY B 230 17.61 -6.47 -33.00
C GLY B 230 16.36 -7.27 -32.71
N PRO B 231 16.53 -8.57 -32.46
CA PRO B 231 15.37 -9.42 -32.19
C PRO B 231 14.89 -9.27 -30.75
N ASN B 232 13.79 -9.95 -30.46
CA ASN B 232 13.21 -9.95 -29.11
C ASN B 232 14.04 -10.84 -28.18
N THR B 233 14.11 -10.43 -26.91
CA THR B 233 14.83 -11.16 -25.87
C THR B 233 13.95 -11.23 -24.63
N GLY B 234 14.44 -11.92 -23.60
CA GLY B 234 13.76 -11.89 -22.32
C GLY B 234 13.84 -10.56 -21.61
N GLY B 235 14.65 -9.63 -22.11
CA GLY B 235 14.76 -8.31 -21.52
C GLY B 235 16.19 -7.91 -21.22
N MET B 236 16.64 -6.80 -21.79
CA MET B 236 18.03 -6.36 -21.70
C MET B 236 18.25 -5.31 -20.62
N GLY B 237 17.22 -4.94 -19.88
CA GLY B 237 17.36 -3.92 -18.86
C GLY B 237 16.03 -3.41 -18.40
N ALA B 238 15.92 -3.07 -17.12
CA ALA B 238 14.67 -2.58 -16.55
C ALA B 238 14.99 -1.55 -15.48
N TYR B 239 14.05 -0.64 -15.25
CA TYR B 239 14.20 0.34 -14.19
C TYR B 239 12.89 0.46 -13.43
N SER B 240 12.99 0.96 -12.20
CA SER B 240 11.84 1.04 -11.32
C SER B 240 12.00 2.30 -10.49
N PRO B 241 10.91 3.08 -10.26
CA PRO B 241 9.54 2.86 -10.73
C PRO B 241 9.37 3.28 -12.19
N ALA B 242 8.30 2.86 -12.84
CA ALA B 242 8.08 3.25 -14.24
C ALA B 242 7.01 4.33 -14.30
N PRO B 243 7.35 5.56 -14.72
CA PRO B 243 6.38 6.66 -14.62
C PRO B 243 5.20 6.51 -15.56
N VAL B 244 5.32 5.69 -16.60
CA VAL B 244 4.17 5.44 -17.47
C VAL B 244 3.00 4.84 -16.68
N VAL B 245 3.27 4.15 -15.58
CA VAL B 245 2.21 3.60 -14.73
C VAL B 245 1.92 4.66 -13.68
N THR B 246 1.11 5.64 -14.09
CA THR B 246 0.64 6.68 -13.20
C THR B 246 -0.36 6.09 -12.21
N PRO B 247 -0.77 6.85 -11.19
CA PRO B 247 -1.82 6.32 -10.31
C PRO B 247 -3.10 5.99 -11.06
N ALA B 248 -3.45 6.75 -12.09
CA ALA B 248 -4.64 6.42 -12.88
C ALA B 248 -4.46 5.08 -13.59
N VAL B 249 -3.29 4.89 -14.22
CA VAL B 249 -3.01 3.62 -14.87
C VAL B 249 -2.99 2.47 -13.87
N TYR B 250 -2.37 2.71 -12.71
CA TYR B 250 -2.34 1.70 -11.66
C TYR B 250 -3.75 1.23 -11.31
N GLU B 251 -4.64 2.19 -11.07
CA GLU B 251 -6.00 1.87 -10.64
C GLU B 251 -6.74 1.09 -11.71
N ARG B 252 -6.54 1.46 -12.98
CA ARG B 252 -7.23 0.75 -14.05
C ARG B 252 -6.69 -0.67 -14.22
N ALA B 253 -5.36 -0.85 -14.12
CA ALA B 253 -4.79 -2.19 -14.23
C ALA B 253 -5.26 -3.08 -13.08
N MET B 254 -5.35 -2.52 -11.88
CA MET B 254 -5.88 -3.29 -10.76
C MET B 254 -7.34 -3.66 -10.99
N ASN B 255 -8.16 -2.68 -11.38
CA ASN B 255 -9.59 -2.90 -11.54
C ASN B 255 -9.91 -3.85 -12.67
N GLU B 256 -9.20 -3.73 -13.79
CA GLU B 256 -9.62 -4.44 -14.99
C GLU B 256 -8.84 -5.72 -15.24
N ILE B 257 -7.62 -5.82 -14.71
CA ILE B 257 -6.76 -6.96 -15.03
C ILE B 257 -6.41 -7.77 -13.78
N ILE B 258 -5.77 -7.13 -12.81
CA ILE B 258 -5.17 -7.89 -11.71
C ILE B 258 -6.25 -8.44 -10.78
N LEU B 259 -7.12 -7.58 -10.26
CA LEU B 259 -8.14 -8.07 -9.33
C LEU B 259 -9.08 -9.06 -10.00
N PRO B 260 -9.58 -8.84 -11.22
CA PRO B 260 -10.47 -9.86 -11.83
C PRO B 260 -9.76 -11.16 -12.16
N THR B 261 -8.45 -11.13 -12.42
CA THR B 261 -7.74 -12.38 -12.68
C THR B 261 -7.63 -13.21 -11.41
N VAL B 262 -7.22 -12.58 -10.30
CA VAL B 262 -7.16 -13.28 -9.03
C VAL B 262 -8.54 -13.82 -8.67
N ALA B 263 -9.57 -12.99 -8.82
CA ALA B 263 -10.92 -13.41 -8.47
C ALA B 263 -11.41 -14.54 -9.37
N GLY B 264 -11.05 -14.51 -10.66
CA GLY B 264 -11.50 -15.55 -11.56
C GLY B 264 -10.86 -16.90 -11.27
N MET B 265 -9.58 -16.91 -10.91
CA MET B 265 -8.96 -18.19 -10.57
C MET B 265 -9.58 -18.77 -9.31
N LYS B 266 -9.84 -17.91 -8.32
CA LYS B 266 -10.56 -18.34 -7.12
C LYS B 266 -11.93 -18.90 -7.47
N ALA B 267 -12.64 -18.25 -8.39
CA ALA B 267 -13.96 -18.73 -8.79
C ALA B 267 -13.87 -20.10 -9.40
N GLU B 268 -12.81 -20.38 -10.15
CA GLU B 268 -12.62 -21.70 -10.73
CA GLU B 268 -12.61 -21.70 -10.73
C GLU B 268 -12.30 -22.76 -9.68
N GLY B 269 -12.09 -22.36 -8.44
CA GLY B 269 -11.72 -23.30 -7.39
C GLY B 269 -10.25 -23.63 -7.34
N HIS B 270 -9.41 -22.82 -8.02
CA HIS B 270 -7.96 -23.03 -8.09
C HIS B 270 -7.28 -21.67 -7.94
N GLU B 271 -7.22 -21.20 -6.70
CA GLU B 271 -6.64 -19.89 -6.39
C GLU B 271 -5.21 -19.82 -6.90
N PHE B 272 -4.82 -18.62 -7.32
CA PHE B 272 -3.43 -18.35 -7.68
C PHE B 272 -2.67 -17.81 -6.47
N THR B 273 -1.55 -18.44 -6.15
CA THR B 273 -0.63 -17.98 -5.11
C THR B 273 0.75 -17.80 -5.73
N GLY B 274 1.43 -16.70 -5.39
CA GLY B 274 2.80 -16.55 -5.84
C GLY B 274 2.99 -15.18 -6.42
N PHE B 275 4.06 -15.03 -7.21
CA PHE B 275 4.29 -13.81 -7.97
C PHE B 275 3.53 -13.92 -9.28
N LEU B 276 2.72 -12.91 -9.61
CA LEU B 276 2.05 -12.84 -10.91
C LEU B 276 2.77 -11.77 -11.72
N TYR B 277 3.34 -12.17 -12.86
CA TYR B 277 4.15 -11.29 -13.69
C TYR B 277 3.28 -10.88 -14.87
N ALA B 278 2.63 -9.73 -14.78
CA ALA B 278 1.71 -9.25 -15.81
C ALA B 278 2.43 -8.25 -16.72
N GLY B 279 2.62 -8.60 -17.99
CA GLY B 279 3.11 -7.65 -18.96
C GLY B 279 1.95 -6.86 -19.51
N LEU B 280 2.08 -5.53 -19.48
CA LEU B 280 1.04 -4.61 -19.92
C LEU B 280 1.52 -3.78 -21.09
N MET B 281 0.58 -3.42 -21.97
CA MET B 281 0.78 -2.41 -23.00
C MET B 281 -0.19 -1.27 -22.73
N ILE B 282 0.35 -0.09 -22.42
CA ILE B 282 -0.44 1.06 -22.01
CA ILE B 282 -0.44 1.06 -22.01
C ILE B 282 -0.57 2.00 -23.20
N ASP B 283 -1.80 2.24 -23.65
CA ASP B 283 -1.97 3.10 -24.81
C ASP B 283 -1.96 4.58 -24.40
N GLN B 284 -2.08 5.45 -25.41
CA GLN B 284 -1.96 6.89 -25.22
C GLN B 284 -3.10 7.46 -24.38
N SER B 285 -4.17 6.70 -24.18
CA SER B 285 -5.24 7.12 -23.29
C SER B 285 -5.03 6.62 -21.86
N GLY B 286 -3.93 5.92 -21.61
CA GLY B 286 -3.69 5.35 -20.29
C GLY B 286 -4.42 4.05 -20.03
N ALA B 287 -4.89 3.39 -21.08
CA ALA B 287 -5.65 2.16 -20.93
C ALA B 287 -4.71 0.97 -20.95
N PRO B 288 -4.72 0.12 -19.92
CA PRO B 288 -3.86 -1.07 -19.91
C PRO B 288 -4.51 -2.25 -20.60
N TYR B 289 -3.71 -2.96 -21.40
CA TYR B 289 -4.10 -4.22 -22.01
C TYR B 289 -3.06 -5.29 -21.63
N THR B 290 -3.54 -6.51 -21.35
CA THR B 290 -2.65 -7.58 -20.93
C THR B 290 -1.92 -8.15 -22.15
N ILE B 291 -0.60 -8.08 -22.14
CA ILE B 291 0.19 -8.82 -23.12
C ILE B 291 0.09 -10.31 -22.81
N GLU B 292 0.61 -10.70 -21.65
CA GLU B 292 0.45 -12.05 -21.12
C GLU B 292 0.90 -12.01 -19.66
N PHE B 293 0.58 -13.07 -18.94
CA PHE B 293 1.21 -13.33 -17.64
C PHE B 293 2.36 -14.30 -17.90
N ASN B 294 3.59 -13.86 -17.66
CA ASN B 294 4.71 -14.67 -18.12
C ASN B 294 6.01 -14.23 -17.48
N CYS B 295 6.90 -15.21 -17.27
CA CYS B 295 8.21 -15.02 -16.65
C CYS B 295 9.02 -13.91 -17.30
N ARG B 296 8.83 -13.68 -18.60
CA ARG B 296 9.66 -12.68 -19.27
C ARG B 296 9.38 -11.28 -18.77
N PHE B 297 8.35 -11.08 -17.96
CA PHE B 297 8.08 -9.81 -17.32
C PHE B 297 8.52 -9.78 -15.86
N GLY B 298 9.33 -10.76 -15.44
CA GLY B 298 9.88 -10.74 -14.09
C GLY B 298 11.40 -10.75 -14.00
N ASP B 299 12.08 -10.74 -15.14
CA ASP B 299 13.54 -10.80 -15.23
C ASP B 299 13.94 -10.10 -16.52
N PRO B 300 14.71 -9.01 -16.46
CA PRO B 300 15.40 -8.48 -15.28
C PRO B 300 14.59 -7.49 -14.46
N GLU B 301 13.25 -7.57 -14.51
CA GLU B 301 12.47 -6.59 -13.77
C GLU B 301 12.62 -6.77 -12.26
N THR B 302 12.75 -8.01 -11.78
CA THR B 302 12.80 -8.21 -10.33
C THR B 302 14.01 -7.53 -9.72
N GLN B 303 15.15 -7.53 -10.44
CA GLN B 303 16.41 -7.02 -9.88
C GLN B 303 16.29 -5.58 -9.39
N PRO B 304 15.94 -4.58 -10.22
CA PRO B 304 15.80 -3.23 -9.67
C PRO B 304 14.66 -3.10 -8.66
N ILE B 305 13.60 -3.88 -8.80
CA ILE B 305 12.51 -3.79 -7.83
C ILE B 305 13.00 -4.19 -6.44
N MET B 306 13.64 -5.36 -6.34
CA MET B 306 14.14 -5.80 -5.05
C MET B 306 15.20 -4.86 -4.50
N SER B 307 15.94 -4.17 -5.37
CA SER B 307 16.92 -3.20 -4.94
C SER B 307 16.30 -1.97 -4.29
N ARG B 308 14.99 -1.78 -4.43
CA ARG B 308 14.29 -0.64 -3.83
C ARG B 308 13.44 -1.00 -2.63
N LEU B 309 13.25 -2.28 -2.35
CA LEU B 309 12.29 -2.70 -1.32
C LEU B 309 12.92 -2.52 0.06
N ASN B 310 12.29 -1.66 0.88
CA ASN B 310 12.78 -1.45 2.23
C ASN B 310 12.25 -2.51 3.18
N SER B 311 11.10 -3.08 2.88
CA SER B 311 10.40 -3.98 3.79
C SER B 311 11.09 -5.34 3.86
N ASP B 312 10.66 -6.12 4.85
CA ASP B 312 11.20 -7.46 5.12
C ASP B 312 10.48 -8.43 4.21
N LEU B 313 11.15 -8.85 3.13
CA LEU B 313 10.49 -9.71 2.14
C LEU B 313 10.15 -11.08 2.72
N ALA B 314 10.94 -11.59 3.67
CA ALA B 314 10.58 -12.83 4.33
C ALA B 314 9.22 -12.71 5.02
N ASP B 315 8.97 -11.58 5.69
CA ASP B 315 7.67 -11.36 6.32
C ASP B 315 6.55 -11.26 5.30
N LEU B 316 6.81 -10.58 4.18
CA LEU B 316 5.80 -10.47 3.13
C LEU B 316 5.43 -11.84 2.58
N VAL B 317 6.45 -12.65 2.25
CA VAL B 317 6.18 -13.97 1.69
C VAL B 317 5.47 -14.84 2.71
N GLU B 318 5.91 -14.79 3.96
CA GLU B 318 5.25 -15.59 4.98
C GLU B 318 3.77 -15.20 5.10
N ALA B 319 3.47 -13.90 5.10
CA ALA B 319 2.07 -13.49 5.16
C ALA B 319 1.29 -14.00 3.95
N ALA B 320 1.90 -13.95 2.76
CA ALA B 320 1.26 -14.46 1.56
C ALA B 320 1.00 -15.96 1.66
N ILE B 321 1.99 -16.73 2.09
CA ILE B 321 1.79 -18.17 2.27
C ILE B 321 0.65 -18.43 3.24
N ASP B 322 0.54 -17.62 4.30
CA ASP B 322 -0.50 -17.74 5.30
CA ASP B 322 -0.50 -17.74 5.30
C ASP B 322 -1.84 -17.16 4.86
N GLY B 323 -1.95 -16.62 3.64
CA GLY B 323 -3.21 -16.06 3.20
C GLY B 323 -3.57 -14.72 3.81
N ARG B 324 -2.57 -13.94 4.21
CA ARG B 324 -2.74 -12.71 5.00
C ARG B 324 -2.06 -11.53 4.33
N LEU B 325 -1.93 -11.52 3.01
CA LEU B 325 -1.23 -10.43 2.36
CA LEU B 325 -1.23 -10.41 2.37
C LEU B 325 -1.88 -9.08 2.62
N ASP B 326 -3.19 -9.06 2.93
CA ASP B 326 -3.79 -7.78 3.23
C ASP B 326 -3.37 -7.22 4.59
N SER B 327 -2.55 -7.95 5.36
CA SER B 327 -2.13 -7.46 6.67
C SER B 327 -0.74 -6.84 6.64
N VAL B 328 -0.06 -6.85 5.49
CA VAL B 328 1.31 -6.33 5.38
C VAL B 328 1.33 -5.26 4.30
N LYS B 329 2.45 -4.55 4.24
CA LYS B 329 2.62 -3.48 3.27
C LYS B 329 4.05 -3.49 2.78
N ALA B 330 4.26 -2.98 1.57
CA ALA B 330 5.59 -2.81 1.02
C ALA B 330 5.96 -1.33 1.04
N GLU B 331 7.15 -1.01 1.51
CA GLU B 331 7.67 0.35 1.48
C GLU B 331 8.93 0.39 0.63
N TRP B 332 9.07 1.46 -0.13
CA TRP B 332 10.06 1.52 -1.20
C TRP B 332 10.99 2.71 -1.00
N ASN B 333 12.27 2.48 -1.24
CA ASN B 333 13.22 3.56 -1.44
C ASN B 333 12.73 4.45 -2.58
N PRO B 334 12.54 5.76 -2.38
CA PRO B 334 12.06 6.59 -3.49
C PRO B 334 13.06 6.73 -4.61
N GLN B 335 14.33 6.38 -4.38
CA GLN B 335 15.31 6.40 -5.44
C GLN B 335 14.91 5.45 -6.57
N THR B 336 15.17 5.88 -7.79
CA THR B 336 15.02 5.00 -8.94
C THR B 336 16.17 4.00 -8.98
N ALA B 337 15.88 2.76 -9.36
CA ALA B 337 16.88 1.74 -9.61
C ALA B 337 16.88 1.41 -11.09
N VAL B 338 18.08 1.35 -11.69
CA VAL B 338 18.24 0.99 -13.10
C VAL B 338 19.16 -0.22 -13.18
N GLY B 339 18.66 -1.29 -13.83
CA GLY B 339 19.43 -2.50 -14.00
C GLY B 339 19.75 -2.75 -15.47
N VAL B 340 21.04 -2.88 -15.80
CA VAL B 340 21.48 -3.13 -17.16
C VAL B 340 22.02 -4.54 -17.25
N VAL B 341 21.62 -5.27 -18.29
CA VAL B 341 21.99 -6.67 -18.47
C VAL B 341 23.26 -6.76 -19.31
N LEU B 342 24.19 -7.62 -18.88
CA LEU B 342 25.30 -8.07 -19.70
C LEU B 342 24.97 -9.47 -20.22
N ALA B 343 24.98 -9.62 -21.54
CA ALA B 343 24.61 -10.88 -22.17
C ALA B 343 25.81 -11.46 -22.90
N ALA B 344 25.77 -12.77 -23.12
CA ALA B 344 26.86 -13.44 -23.82
C ALA B 344 26.74 -13.26 -25.33
N GLN B 345 27.84 -13.48 -26.02
CA GLN B 345 27.84 -13.42 -27.47
C GLN B 345 26.81 -14.40 -28.03
N ASN B 346 26.07 -13.95 -29.04
CA ASN B 346 25.09 -14.70 -29.84
C ASN B 346 23.70 -14.75 -29.20
N TYR B 347 23.54 -14.36 -27.94
CA TYR B 347 22.21 -14.23 -27.37
C TYR B 347 21.37 -13.31 -28.25
N PRO B 348 20.09 -13.65 -28.52
CA PRO B 348 19.20 -14.69 -27.99
C PRO B 348 19.29 -16.06 -28.66
N GLU B 349 20.17 -16.24 -29.64
CA GLU B 349 20.42 -17.56 -30.19
C GLU B 349 21.27 -18.34 -29.19
N THR B 350 21.78 -19.50 -29.60
CA THR B 350 22.63 -20.29 -28.72
C THR B 350 23.84 -19.47 -28.29
N PRO B 351 24.03 -19.22 -27.00
CA PRO B 351 25.12 -18.36 -26.57
C PRO B 351 26.45 -19.07 -26.40
N LYS B 352 27.52 -18.31 -26.64
CA LYS B 352 28.86 -18.78 -26.31
C LYS B 352 29.04 -18.81 -24.81
N LYS B 353 29.58 -19.90 -24.29
CA LYS B 353 29.67 -20.12 -22.85
C LYS B 353 31.10 -20.41 -22.44
N GLY B 354 31.38 -20.14 -21.17
CA GLY B 354 32.66 -20.51 -20.59
C GLY B 354 33.75 -19.47 -20.69
N ASP B 355 33.40 -18.18 -20.77
CA ASP B 355 34.39 -17.12 -20.75
C ASP B 355 34.56 -16.58 -19.34
N VAL B 356 35.80 -16.25 -18.98
CA VAL B 356 36.09 -15.73 -17.65
C VAL B 356 35.58 -14.31 -17.53
N ILE B 357 34.89 -14.03 -16.43
CA ILE B 357 34.41 -12.68 -16.12
C ILE B 357 35.38 -12.06 -15.12
N SER B 358 35.93 -10.91 -15.46
CA SER B 358 36.86 -10.19 -14.59
C SER B 358 36.24 -8.88 -14.12
N GLY B 359 36.73 -8.39 -12.99
CA GLY B 359 36.33 -7.10 -12.47
C GLY B 359 35.16 -7.10 -11.52
N LEU B 360 34.63 -8.27 -11.15
CA LEU B 360 33.53 -8.30 -10.20
C LEU B 360 33.93 -7.73 -8.85
N ASP B 361 35.19 -7.93 -8.44
CA ASP B 361 35.68 -7.44 -7.18
C ASP B 361 36.02 -5.95 -7.20
N ASP B 362 35.85 -5.28 -8.35
CA ASP B 362 36.16 -3.87 -8.47
C ASP B 362 34.92 -2.99 -8.46
N VAL B 363 33.72 -3.57 -8.54
CA VAL B 363 32.50 -2.78 -8.39
C VAL B 363 32.46 -2.12 -7.02
N ASN B 364 33.09 -2.75 -6.03
CA ASN B 364 33.02 -2.31 -4.63
C ASN B 364 31.55 -2.15 -4.24
N ARG B 365 31.08 -0.91 -4.16
CA ARG B 365 29.68 -0.66 -3.87
C ARG B 365 29.15 0.49 -4.71
N ILE B 366 29.72 0.72 -5.90
CA ILE B 366 29.10 1.64 -6.84
C ILE B 366 27.72 1.15 -7.22
N GLY B 367 27.53 -0.16 -7.25
CA GLY B 367 26.22 -0.72 -7.51
C GLY B 367 26.18 -2.17 -7.09
N LYS B 368 25.15 -2.87 -7.55
CA LYS B 368 24.94 -4.27 -7.20
C LYS B 368 24.87 -5.10 -8.46
N VAL B 369 25.58 -6.23 -8.48
CA VAL B 369 25.60 -7.14 -9.62
C VAL B 369 24.82 -8.38 -9.24
N PHE B 370 23.72 -8.62 -9.94
CA PHE B 370 22.95 -9.85 -9.81
C PHE B 370 23.33 -10.81 -10.93
N HIS B 371 23.70 -12.03 -10.56
CA HIS B 371 24.17 -13.03 -11.52
C HIS B 371 23.00 -13.82 -12.08
N ALA B 372 23.05 -14.10 -13.38
CA ALA B 372 22.12 -15.04 -14.00
C ALA B 372 22.88 -16.26 -14.47
N GLY B 373 23.31 -16.27 -15.73
CA GLY B 373 24.03 -17.41 -16.25
C GLY B 373 25.52 -17.40 -15.96
N THR B 374 25.89 -17.61 -14.69
CA THR B 374 27.30 -17.71 -14.32
C THR B 374 27.54 -18.96 -13.49
N THR B 375 28.76 -19.47 -13.60
CA THR B 375 29.20 -20.61 -12.82
C THR B 375 30.68 -20.44 -12.49
N VAL B 376 31.22 -21.37 -11.71
CA VAL B 376 32.62 -21.31 -11.27
C VAL B 376 33.34 -22.57 -11.75
N ASN B 377 34.60 -22.43 -12.13
CA ASN B 377 35.42 -23.56 -12.52
C ASN B 377 36.19 -24.09 -11.31
N GLU B 378 37.17 -24.98 -11.56
CA GLU B 378 37.96 -25.54 -10.47
C GLU B 378 38.96 -24.51 -9.94
N LYS B 379 39.51 -23.68 -10.81
CA LYS B 379 40.48 -22.66 -10.41
C LYS B 379 39.82 -21.47 -9.71
N GLY B 380 38.49 -21.39 -9.70
CA GLY B 380 37.80 -20.32 -9.01
C GLY B 380 37.39 -19.15 -9.86
N ASP B 381 37.62 -19.19 -11.16
CA ASP B 381 37.15 -18.12 -12.03
C ASP B 381 35.64 -18.22 -12.22
N VAL B 382 35.03 -17.10 -12.53
CA VAL B 382 33.59 -17.01 -12.78
C VAL B 382 33.38 -17.04 -14.29
N LEU B 383 32.59 -18.01 -14.76
CA LEU B 383 32.42 -18.28 -16.18
C LEU B 383 31.01 -17.94 -16.64
N THR B 384 30.92 -17.45 -17.87
CA THR B 384 29.61 -17.29 -18.50
C THR B 384 28.97 -18.64 -18.72
N ASN B 385 27.65 -18.70 -18.51
CA ASN B 385 26.95 -19.98 -18.50
C ASN B 385 25.48 -19.83 -18.88
N GLY B 386 25.20 -19.12 -19.96
CA GLY B 386 23.82 -18.99 -20.40
C GLY B 386 23.68 -17.83 -21.37
N GLY B 387 22.44 -17.40 -21.55
CA GLY B 387 22.16 -16.27 -22.43
C GLY B 387 22.52 -14.97 -21.77
N ARG B 388 21.66 -14.52 -20.84
CA ARG B 388 21.95 -13.35 -20.04
C ARG B 388 22.84 -13.74 -18.87
N ILE B 389 23.88 -12.94 -18.63
CA ILE B 389 24.92 -13.27 -17.67
C ILE B 389 24.75 -12.52 -16.37
N LEU B 390 24.69 -11.19 -16.43
CA LEU B 390 24.61 -10.35 -15.25
C LEU B 390 23.52 -9.31 -15.43
N CYS B 391 23.06 -8.77 -14.32
CA CYS B 391 22.29 -7.53 -14.30
C CYS B 391 22.89 -6.62 -13.24
N VAL B 392 23.42 -5.48 -13.67
CA VAL B 392 24.07 -4.52 -12.80
C VAL B 392 23.09 -3.40 -12.50
N VAL B 393 22.77 -3.22 -11.22
CA VAL B 393 21.74 -2.29 -10.77
C VAL B 393 22.42 -1.10 -10.08
N GLY B 394 22.03 0.11 -10.46
CA GLY B 394 22.49 1.31 -9.80
C GLY B 394 21.29 2.09 -9.28
N LEU B 395 21.52 2.81 -8.17
CA LEU B 395 20.47 3.57 -7.50
C LEU B 395 20.79 5.07 -7.55
N GLY B 396 19.74 5.88 -7.61
CA GLY B 396 19.94 7.32 -7.66
C GLY B 396 18.67 8.07 -7.35
N ASP B 397 18.83 9.35 -7.02
CA ASP B 397 17.69 10.17 -6.65
C ASP B 397 16.76 10.45 -7.83
N ASP B 398 17.25 10.39 -9.06
CA ASP B 398 16.40 10.42 -10.25
C ASP B 398 16.93 9.42 -11.26
N VAL B 399 16.22 9.29 -12.40
CA VAL B 399 16.56 8.24 -13.37
C VAL B 399 17.98 8.43 -13.89
N ALA B 400 18.37 9.68 -14.17
CA ALA B 400 19.69 9.93 -14.73
C ALA B 400 20.79 9.51 -13.78
N GLN B 401 20.64 9.81 -12.49
CA GLN B 401 21.68 9.46 -11.53
C GLN B 401 21.75 7.94 -11.32
N ALA B 402 20.59 7.28 -11.24
CA ALA B 402 20.58 5.83 -11.12
C ALA B 402 21.23 5.18 -12.32
N LYS B 403 20.85 5.61 -13.53
CA LYS B 403 21.47 5.07 -14.74
C LYS B 403 22.97 5.32 -14.73
N ALA B 404 23.39 6.49 -14.26
CA ALA B 404 24.82 6.79 -14.17
C ALA B 404 25.53 5.81 -13.26
N LYS B 405 24.95 5.54 -12.09
CA LYS B 405 25.53 4.56 -11.18
C LYS B 405 25.58 3.18 -11.81
N ALA B 406 24.54 2.81 -12.57
CA ALA B 406 24.46 1.47 -13.13
C ALA B 406 25.60 1.24 -14.12
N TYR B 407 25.78 2.17 -15.06
CA TYR B 407 26.84 1.98 -16.05
C TYR B 407 28.22 2.22 -15.45
N GLY B 408 28.32 3.09 -14.44
CA GLY B 408 29.57 3.22 -13.73
C GLY B 408 30.05 1.90 -13.16
N ALA B 409 29.16 1.18 -12.48
CA ALA B 409 29.51 -0.13 -11.97
C ALA B 409 29.69 -1.14 -13.09
N LEU B 410 28.90 -1.03 -14.15
CA LEU B 410 28.94 -2.00 -15.23
C LEU B 410 30.30 -2.00 -15.92
N GLU B 411 30.87 -0.81 -16.13
CA GLU B 411 32.10 -0.70 -16.90
C GLU B 411 33.30 -1.31 -16.18
N LYS B 412 33.16 -1.71 -14.92
CA LYS B 412 34.23 -2.41 -14.22
C LYS B 412 34.31 -3.89 -14.58
N ILE B 413 33.30 -4.43 -15.26
CA ILE B 413 33.18 -5.85 -15.55
C ILE B 413 33.53 -6.09 -17.01
N SER B 414 34.22 -7.20 -17.28
CA SER B 414 34.57 -7.55 -18.65
C SER B 414 34.55 -9.07 -18.84
N PHE B 415 34.03 -9.51 -19.99
CA PHE B 415 34.24 -10.86 -20.47
C PHE B 415 34.13 -10.86 -21.98
N ASP B 416 34.92 -11.72 -22.62
CA ASP B 416 35.04 -11.72 -24.08
C ASP B 416 33.69 -11.94 -24.75
N GLY B 417 33.34 -11.02 -25.66
CA GLY B 417 32.10 -11.13 -26.42
C GLY B 417 30.89 -10.47 -25.79
N MET B 418 31.06 -9.77 -24.67
CA MET B 418 29.92 -9.23 -23.93
C MET B 418 29.16 -8.22 -24.78
N GLN B 419 27.85 -8.13 -24.52
CA GLN B 419 27.00 -7.18 -25.20
C GLN B 419 25.98 -6.63 -24.20
N TYR B 420 25.63 -5.35 -24.38
CA TYR B 420 24.69 -4.68 -23.50
C TYR B 420 24.24 -3.39 -24.17
N ARG B 421 22.99 -3.02 -23.92
CA ARG B 421 22.47 -1.77 -24.45
C ARG B 421 22.93 -0.60 -23.60
N LYS B 422 23.18 0.53 -24.26
CA LYS B 422 23.61 1.73 -23.57
C LYS B 422 22.46 2.71 -23.31
N ASP B 423 21.26 2.42 -23.79
CA ASP B 423 20.14 3.34 -23.70
C ASP B 423 19.07 2.88 -22.72
N ILE B 424 19.43 2.04 -21.75
CA ILE B 424 18.46 1.57 -20.77
C ILE B 424 17.91 2.75 -19.99
N ALA B 425 16.58 2.86 -19.94
CA ALA B 425 15.81 3.89 -19.23
C ALA B 425 15.88 5.26 -19.87
N ASP B 426 16.44 5.39 -21.08
CA ASP B 426 16.54 6.71 -21.70
C ASP B 426 15.17 7.30 -21.99
N LYS B 427 14.19 6.45 -22.33
CA LYS B 427 12.85 6.94 -22.61
C LYS B 427 12.26 7.68 -21.40
N ALA B 428 12.61 7.25 -20.19
CA ALA B 428 12.16 7.94 -18.99
C ALA B 428 13.04 9.13 -18.62
N ILE B 429 14.17 9.31 -19.28
CA ILE B 429 15.07 10.42 -18.99
C ILE B 429 14.97 11.48 -20.08
NA NA C . -7.42 13.17 18.89
C ACT D . -3.46 39.73 11.41
O ACT D . -2.95 38.93 10.58
OXT ACT D . -3.00 40.12 12.52
CH3 ACT D . -4.85 40.34 11.02
C ACT E . -15.25 -10.70 -1.61
O ACT E . -14.43 -10.81 -0.65
OXT ACT E . -15.09 -10.11 -2.74
CH3 ACT E . -16.68 -11.34 -1.41
C1 EDO F . -10.78 -10.08 -1.73
O1 EDO F . -9.98 -8.93 -1.41
C2 EDO F . -11.65 -9.79 -2.95
O2 EDO F . -12.58 -8.72 -2.71
C1 EDO G . -11.54 -8.86 2.04
O1 EDO G . -10.41 -8.46 1.26
C2 EDO G . -11.59 -10.38 2.13
O2 EDO G . -10.45 -10.86 2.83
C1 EDO H . 4.04 6.47 5.36
O1 EDO H . 3.29 6.91 6.49
C2 EDO H . 5.53 6.64 5.63
O2 EDO H . 6.11 7.33 4.52
C1 EDO I . -24.17 20.02 9.75
O1 EDO I . -24.37 20.61 8.46
C2 EDO I . -25.46 19.32 10.18
O2 EDO I . -25.92 18.48 9.11
C1 EDO J . -1.96 24.86 0.06
O1 EDO J . -2.31 25.71 1.16
C2 EDO J . -3.08 24.90 -0.97
O2 EDO J . -2.73 24.08 -2.09
C1 EDO K . -10.02 35.92 31.59
O1 EDO K . -9.14 35.41 32.62
C2 EDO K . -9.66 37.36 31.26
O2 EDO K . -9.01 37.44 29.99
C1 EDO L . 1.02 -10.38 12.92
O1 EDO L . 2.11 -10.71 13.78
C2 EDO L . -0.16 -11.32 13.18
O2 EDO L . -0.84 -11.00 14.39
S SO4 M . -13.60 20.56 20.54
O1 SO4 M . -13.19 19.16 20.48
O2 SO4 M . -12.40 21.38 20.57
O3 SO4 M . -14.37 20.76 21.76
O4 SO4 M . -14.40 20.94 19.38
NA NA N . 11.93 -9.19 -18.80
C ACT O . 24.52 -5.73 -0.79
O ACT O . 25.19 -6.66 -1.33
OXT ACT O . 24.20 -4.60 -1.27
CH3 ACT O . 24.06 -6.03 0.68
C1 EDO P . 3.73 -0.04 -6.00
O1 EDO P . 2.96 -0.06 -4.79
C2 EDO P . 2.84 0.34 -7.18
O2 EDO P . 2.76 -0.76 -8.10
C1 EDO Q . 10.58 -27.93 7.98
O1 EDO Q . 10.10 -26.94 8.89
C2 EDO Q . 9.77 -29.23 8.15
O2 EDO Q . 8.37 -28.95 8.03
C1 EDO R . -3.81 -29.58 -12.71
O1 EDO R . -3.26 -30.46 -11.72
C2 EDO R . -3.01 -29.69 -14.00
O2 EDO R . -3.47 -28.70 -14.91
C1 EDO S . -5.10 7.26 -17.33
O1 EDO S . -5.02 5.87 -16.98
C2 EDO S . -3.74 7.83 -17.78
O2 EDO S . -2.93 8.27 -16.67
C1 EDO T . 27.95 -23.85 -7.52
O1 EDO T . 28.04 -22.97 -6.40
C2 EDO T . 26.91 -23.36 -8.53
O2 EDO T . 27.57 -22.59 -9.54
C1 EDO U . -11.35 2.13 -13.84
O1 EDO U . -11.08 0.73 -13.98
C2 EDO U . -10.06 2.83 -13.47
O2 EDO U . -10.22 4.24 -13.62
S SO4 V . -11.33 -21.70 -18.18
O1 SO4 V . -9.90 -21.64 -18.51
O2 SO4 V . -11.70 -23.07 -17.87
O3 SO4 V . -11.60 -20.86 -17.03
O4 SO4 V . -12.11 -21.23 -19.32
S SO4 W . 18.13 -16.49 -20.41
O1 SO4 W . 17.96 -16.86 -21.81
O2 SO4 W . 18.63 -17.63 -19.66
O3 SO4 W . 16.84 -16.10 -19.88
O4 SO4 W . 19.08 -15.38 -20.29
#